data_1YBC
# 
_entry.id   1YBC 
# 
_audit_conform.dict_name       mmcif_pdbx.dic 
_audit_conform.dict_version    5.376 
_audit_conform.dict_location   http://mmcif.pdb.org/dictionaries/ascii/mmcif_pdbx.dic 
# 
loop_
_database_2.database_id 
_database_2.database_code 
_database_2.pdbx_database_accession 
_database_2.pdbx_DOI 
PDB   1YBC         pdb_00001ybc 10.2210/pdb1ybc/pdb 
NDB   AD0044       ?            ?                   
RCSB  RCSB031338   ?            ?                   
WWPDB D_1000031338 ?            ?                   
# 
loop_
_pdbx_database_related.db_name 
_pdbx_database_related.db_id 
_pdbx_database_related.details 
_pdbx_database_related.content_type 
PDB 1Y7F 
;Crystal structure of the A-DNA GCGTAT*CGC with a 2'-O-[2-[hydroxy(methyleneamino)oxy]ethyl] Thymidine (T*)
;
unspecified 
PDB 1Y84 
;Crystal structure of the A-DNA GCGTAT*CGC with a 2'-O-[2-(imidazolyl)ethyl] Thymidine (T*)
;
unspecified 
PDB 1Y86 
;Crystal structure of the A-DNA GCGTAT*CGC with a 2'-O-[2-(fluoro)ethyl] Thymidine (T*)
;
unspecified 
PDB 1Y8L 
;Crystal structure of the A-DNA GCGTAT*CGC with a 2'-O-[2-(trifluoro)ethyl] Thymidine (T*)
;
unspecified 
PDB 1Y8V 
;Crystal structure of the A-DNA GCGTAT*CGC with a 2'-O-propyl Thymidine (T*)
;
unspecified 
PDB 1Y9S 
;Crystal structure of the A-DNA GCGTAT*CGC with a 2'-O-propargyl Thymidine (T*)
;
unspecified 
PDB 1WV5 
;X-RAY STRUCTURE OF THE A-DECAMER GCGTATACGC WITH A SINGLE 2'-O-BUTYL  THYMINE IN PLACE OF T6, MG-FORM
;
unspecified 
PDB 1WV6 
;X-RAY STRUCTURE OF THE A-DECAMER GCGTATACGC WITH A SINGLE 2'-O-BUTYL  THYMINE IN PLACE OF T6, SR-FORM
;
unspecified 
PDB 1Y9F 
;Crystal structure of the A-DNA GCGTAT*CGC with a 2'-O-allyl Thymidine (T*)
;
unspecified 
PDB 1YB9 
;Crystal structure of the A-DNA GCGTAT*CGC with a 2'-O-[2-(N,N-dimethylaminooxy)ethyl] Thymidine (T*)
;
unspecified 
# 
_pdbx_database_status.status_code                     REL 
_pdbx_database_status.entry_id                        1YBC 
_pdbx_database_status.recvd_initial_deposition_date   2004-12-20 
_pdbx_database_status.deposit_site                    RCSB 
_pdbx_database_status.process_site                    RCSB 
_pdbx_database_status.status_code_sf                  REL 
_pdbx_database_status.status_code_mr                  ? 
_pdbx_database_status.SG_entry                        ? 
_pdbx_database_status.pdb_format_compatible           Y 
_pdbx_database_status.status_code_cs                  ? 
_pdbx_database_status.status_code_nmr_data            ? 
_pdbx_database_status.methods_development_category    ? 
# 
loop_
_audit_author.name 
_audit_author.pdbx_ordinal 
'Egli, M.'      1  
'Minasov, G.'   2  
'Tereshko, V.'  3  
'Pallan, P.S.'  4  
'Teplova, M.'   5  
'Inamati, G.B.' 6  
'Lesnik, E.A.'  7  
'Owens, S.R.'   8  
'Ross, B.S.'    9  
'Prakash, T.P.' 10 
'Manoharan, M.' 11 
# 
_citation.id                        primary 
_citation.title                     
;Probing the Influence of Stereoelectronic Effects on the Biophysical Properties of Oligonucleotides: Comprehensive Analysis of the RNA Affinity, Nuclease Resistance, and Crystal Structure of Ten 2'-O-Ribonucleic Acid Modifications.
;
_citation.journal_abbrev            Biochemistry 
_citation.journal_volume            44 
_citation.page_first                9045 
_citation.page_last                 9057 
_citation.year                      2005 
_citation.journal_id_ASTM           BICHAW 
_citation.country                   US 
_citation.journal_id_ISSN           0006-2960 
_citation.journal_id_CSD            0033 
_citation.book_publisher            ? 
_citation.pdbx_database_id_PubMed   15966728 
_citation.pdbx_database_id_DOI      10.1021/bi050574m 
# 
loop_
_citation_author.citation_id 
_citation_author.name 
_citation_author.ordinal 
_citation_author.identifier_ORCID 
primary 'Egli, M.'      1  ? 
primary 'Minasov, G.'   2  ? 
primary 'Tereshko, V.'  3  ? 
primary 'Pallan, P.S.'  4  ? 
primary 'Teplova, M.'   5  ? 
primary 'Inamati, G.B.' 6  ? 
primary 'Lesnik, E.A.'  7  ? 
primary 'Owens, S.R.'   8  ? 
primary 'Ross, B.S.'    9  ? 
primary 'Prakash, T.P.' 10 ? 
primary 'Manoharan, M.' 11 ? 
# 
_cell.entry_id           1YBC 
_cell.length_a           25.063 
_cell.length_b           44.365 
_cell.length_c           45.458 
_cell.angle_alpha        90.00 
_cell.angle_beta         90.00 
_cell.angle_gamma        90.00 
_cell.Z_PDB              8 
_cell.pdbx_unique_axis   ? 
# 
_symmetry.entry_id                         1YBC 
_symmetry.space_group_name_H-M             'P 21 21 21' 
_symmetry.pdbx_full_space_group_name_H-M   ? 
_symmetry.cell_setting                     ? 
_symmetry.Int_Tables_number                19 
_symmetry.space_group_name_Hall            ? 
# 
loop_
_entity.id 
_entity.type 
_entity.src_method 
_entity.pdbx_description 
_entity.formula_weight 
_entity.pdbx_number_of_molecules 
_entity.pdbx_ec 
_entity.pdbx_mutation 
_entity.pdbx_fragment 
_entity.details 
1 polymer     syn "5'-D(*GP*CP*GP*TP*AP*(BOE)P*AP*CP*GP*C)-3')" 3195.180 2  ? ? ? ? 
2 non-polymer syn 'STRONTIUM ION'                               87.620   1  ? ? ? ? 
3 water       nat water                                         18.015   98 ? ? ? ? 
# 
_entity_poly.entity_id                      1 
_entity_poly.type                           polydeoxyribonucleotide 
_entity_poly.nstd_linkage                   no 
_entity_poly.nstd_monomer                   yes 
_entity_poly.pdbx_seq_one_letter_code       '(DG)(DC)(DG)(DT)(DA)(BOE)(DA)(DC)(DG)(DC)' 
_entity_poly.pdbx_seq_one_letter_code_can   GCGTATACGC 
_entity_poly.pdbx_strand_id                 A,B 
_entity_poly.pdbx_target_identifier         ? 
# 
loop_
_entity_poly_seq.entity_id 
_entity_poly_seq.num 
_entity_poly_seq.mon_id 
_entity_poly_seq.hetero 
1 1  DG  n 
1 2  DC  n 
1 3  DG  n 
1 4  DT  n 
1 5  DA  n 
1 6  BOE n 
1 7  DA  n 
1 8  DC  n 
1 9  DG  n 
1 10 DC  n 
# 
_struct_ref.id                         1 
_struct_ref.entity_id                  1 
_struct_ref.db_name                    PDB 
_struct_ref.db_code                    1YBC 
_struct_ref.pdbx_db_accession          1YBC 
_struct_ref.pdbx_db_isoform            ? 
_struct_ref.pdbx_seq_one_letter_code   ? 
_struct_ref.pdbx_align_begin           ? 
# 
loop_
_struct_ref_seq.align_id 
_struct_ref_seq.ref_id 
_struct_ref_seq.pdbx_PDB_id_code 
_struct_ref_seq.pdbx_strand_id 
_struct_ref_seq.seq_align_beg 
_struct_ref_seq.pdbx_seq_align_beg_ins_code 
_struct_ref_seq.seq_align_end 
_struct_ref_seq.pdbx_seq_align_end_ins_code 
_struct_ref_seq.pdbx_db_accession 
_struct_ref_seq.db_align_beg 
_struct_ref_seq.pdbx_db_align_beg_ins_code 
_struct_ref_seq.db_align_end 
_struct_ref_seq.pdbx_db_align_end_ins_code 
_struct_ref_seq.pdbx_auth_seq_align_beg 
_struct_ref_seq.pdbx_auth_seq_align_end 
1 1 1YBC A 1 ? 10 ? 1YBC 1  ? 10 ? 1  10 
2 1 1YBC B 1 ? 10 ? 1YBC 11 ? 20 ? 11 20 
# 
loop_
_chem_comp.id 
_chem_comp.type 
_chem_comp.mon_nstd_flag 
_chem_comp.name 
_chem_comp.pdbx_synonyms 
_chem_comp.formula 
_chem_comp.formula_weight 
BOE 'RNA linking' n 
;2'-O-[2-(BENZYLOXY)ETHYL] THYMIDINE-5'-MONOPHOSPHATE
;
? 'C19 H25 N2 O10 P' 472.383 
DA  'DNA linking' y "2'-DEOXYADENOSINE-5'-MONOPHOSPHATE"                   ? 'C10 H14 N5 O6 P'  331.222 
DC  'DNA linking' y "2'-DEOXYCYTIDINE-5'-MONOPHOSPHATE"                    ? 'C9 H14 N3 O7 P'   307.197 
DG  'DNA linking' y "2'-DEOXYGUANOSINE-5'-MONOPHOSPHATE"                   ? 'C10 H14 N5 O7 P'  347.221 
DT  'DNA linking' y "THYMIDINE-5'-MONOPHOSPHATE"                           ? 'C10 H15 N2 O8 P'  322.208 
HOH non-polymer   . WATER                                                  ? 'H2 O'             18.015  
SR  non-polymer   . 'STRONTIUM ION'                                        ? 'Sr 2'             87.620  
# 
_exptl.entry_id          1YBC 
_exptl.method            'X-RAY DIFFRACTION' 
_exptl.crystals_number   1 
# 
_exptl_crystal.id                    1 
_exptl_crystal.density_meas          ? 
_exptl_crystal.density_Matthews      1.98 
_exptl_crystal.density_percent_sol   37.80 
_exptl_crystal.description           ? 
_exptl_crystal.F_000                 ? 
_exptl_crystal.preparation           ? 
# 
_exptl_crystal_grow.crystal_id      1 
_exptl_crystal_grow.method          'VAPOR DIFFUSION, HANGING DROP' 
_exptl_crystal_grow.temp            295 
_exptl_crystal_grow.temp_details    ? 
_exptl_crystal_grow.pH              6.0 
_exptl_crystal_grow.pdbx_details    
'10%MPD, 40mM Na-Cacodilate, 12 mM Spermine, 80mM SrCL2, pH 6.0, VAPOR DIFFUSION, HANGING DROP, temperature 295K' 
_exptl_crystal_grow.pdbx_pH_range   . 
# 
loop_
_exptl_crystal_grow_comp.crystal_id 
_exptl_crystal_grow_comp.id 
_exptl_crystal_grow_comp.sol_id 
_exptl_crystal_grow_comp.name 
_exptl_crystal_grow_comp.volume 
_exptl_crystal_grow_comp.conc 
_exptl_crystal_grow_comp.details 
1 1 1 MPD           ? ? ? 
1 2 1 Na-Cacodilate ? ? ? 
1 3 1 Spermine      ? ? ? 
1 4 1 SrCL2         ? ? ? 
1 5 1 H2O           ? ? ? 
1 6 2 MPD           ? ? ? 
1 7 2 Na-Cacodilate ? ? ? 
1 8 2 SrCL2         ? ? ? 
# 
_diffrn.id                     1 
_diffrn.ambient_temp           110 
_diffrn.ambient_temp_details   ? 
_diffrn.crystal_id             1 
# 
_diffrn_detector.diffrn_id              1 
_diffrn_detector.detector               'IMAGE PLATE' 
_diffrn_detector.type                   'RIGAKU RAXIS IIC' 
_diffrn_detector.pdbx_collection_date   1998-12-30 
_diffrn_detector.details                Mirrors 
# 
_diffrn_radiation.diffrn_id                        1 
_diffrn_radiation.wavelength_id                    1 
_diffrn_radiation.pdbx_monochromatic_or_laue_m_l   M 
_diffrn_radiation.monochromator                    ? 
_diffrn_radiation.pdbx_diffrn_protocol             'SINGLE WAVELENGTH' 
_diffrn_radiation.pdbx_scattering_type             x-ray 
# 
_diffrn_radiation_wavelength.id           1 
_diffrn_radiation_wavelength.wavelength   1.5418 
_diffrn_radiation_wavelength.wt           1.0 
# 
_diffrn_source.diffrn_id                   1 
_diffrn_source.source                      'ROTATING ANODE' 
_diffrn_source.type                        'RIGAKU RU200' 
_diffrn_source.pdbx_synchrotron_site       ? 
_diffrn_source.pdbx_synchrotron_beamline   ? 
_diffrn_source.pdbx_wavelength             1.5418 
_diffrn_source.pdbx_wavelength_list        ? 
# 
_reflns.entry_id                     1YBC 
_reflns.observed_criterion_sigma_F   ? 
_reflns.observed_criterion_sigma_I   -3.0 
_reflns.d_resolution_high            1.80 
_reflns.d_resolution_low             25.0 
_reflns.number_all                   5065 
_reflns.number_obs                   5065 
_reflns.percent_possible_obs         98.7 
_reflns.pdbx_Rmerge_I_obs            0.348 
_reflns.pdbx_Rsym_value              ? 
_reflns.pdbx_netI_over_sigmaI        25.3 
_reflns.B_iso_Wilson_estimate        ? 
_reflns.pdbx_redundancy              7.5 
_reflns.R_free_details               ? 
_reflns.pdbx_chi_squared             ? 
_reflns.pdbx_scaling_rejects         ? 
_reflns.pdbx_diffrn_id               1 
_reflns.pdbx_ordinal                 1 
# 
_reflns_shell.d_res_high             1.80 
_reflns_shell.d_res_low              1.86 
_reflns_shell.percent_possible_all   92.4 
_reflns_shell.Rmerge_I_obs           0.348 
_reflns_shell.pdbx_Rsym_value        ? 
_reflns_shell.meanI_over_sigI_obs    3.2 
_reflns_shell.pdbx_redundancy        3.1 
_reflns_shell.percent_possible_obs   ? 
_reflns_shell.number_unique_all      450 
_reflns_shell.number_measured_all    ? 
_reflns_shell.number_measured_obs    ? 
_reflns_shell.number_unique_obs      ? 
_reflns_shell.pdbx_chi_squared       ? 
_reflns_shell.pdbx_diffrn_id         ? 
_reflns_shell.pdbx_ordinal           1 
# 
_refine.entry_id                                 1YBC 
_refine.ls_d_res_high                            1.80 
_refine.ls_d_res_low                             20.0 
_refine.pdbx_ls_sigma_F                          0.0 
_refine.pdbx_ls_sigma_I                          ? 
_refine.ls_number_reflns_all                     4851 
_refine.ls_number_reflns_obs                     4851 
_refine.ls_number_reflns_R_free                  532 
_refine.ls_percent_reflns_obs                    96.6 
_refine.ls_R_factor_all                          ? 
_refine.ls_R_factor_obs                          ? 
_refine.ls_R_factor_R_work                       0.1696 
_refine.ls_R_factor_R_free                       0.2128 
_refine.ls_redundancy_reflns_obs                 ? 
_refine.pdbx_data_cutoff_high_absF               ? 
_refine.pdbx_data_cutoff_low_absF                ? 
_refine.ls_number_parameters                     ? 
_refine.ls_number_restraints                     ? 
_refine.ls_percent_reflns_R_free                 ? 
_refine.ls_R_factor_R_free_error                 ? 
_refine.ls_R_factor_R_free_error_details         ? 
_refine.pdbx_method_to_determine_struct          'MOLECULAR REPLACEMENT' 
_refine.pdbx_starting_model                      'pdb entry 410D' 
_refine.pdbx_ls_cross_valid_method               THROUGHOUT 
_refine.pdbx_R_Free_selection_details            Random 
_refine.pdbx_stereochem_target_val_spec_case     ? 
_refine.pdbx_stereochemistry_target_values       ? 
_refine.solvent_model_details                    ? 
_refine.solvent_model_param_bsol                 ? 
_refine.solvent_model_param_ksol                 ? 
_refine.occupancy_max                            ? 
_refine.occupancy_min                            ? 
_refine.pdbx_isotropic_thermal_model             Isotropic 
_refine.B_iso_mean                               25.3 
_refine.aniso_B[1][1]                            -0.336 
_refine.aniso_B[1][2]                            0.000 
_refine.aniso_B[1][3]                            0.000 
_refine.aniso_B[2][2]                            2.134 
_refine.aniso_B[2][3]                            0.000 
_refine.aniso_B[3][3]                            -1.797 
_refine.details                                  'Conjugate gradient refinement using maximum likelihood target for amplitudes' 
_refine.correlation_coeff_Fo_to_Fc               ? 
_refine.correlation_coeff_Fo_to_Fc_free          ? 
_refine.pdbx_solvent_vdw_probe_radii             ? 
_refine.pdbx_solvent_ion_probe_radii             ? 
_refine.pdbx_solvent_shrinkage_radii             ? 
_refine.overall_SU_R_Cruickshank_DPI             ? 
_refine.overall_SU_R_free                        ? 
_refine.overall_SU_B                             ? 
_refine.overall_SU_ML                            ? 
_refine.pdbx_overall_ESU_R                       ? 
_refine.pdbx_overall_ESU_R_Free                  ? 
_refine.pdbx_data_cutoff_high_rms_absF           ? 
_refine.ls_wR_factor_R_free                      ? 
_refine.ls_wR_factor_R_work                      ? 
_refine.overall_FOM_free_R_set                   ? 
_refine.overall_FOM_work_R_set                   ? 
_refine.pdbx_refine_id                           'X-RAY DIFFRACTION' 
_refine.pdbx_diffrn_id                           1 
_refine.pdbx_TLS_residual_ADP_flag               ? 
_refine.pdbx_overall_phase_error                 ? 
_refine.pdbx_overall_SU_R_free_Cruickshank_DPI   ? 
_refine.pdbx_overall_SU_R_Blow_DPI               ? 
_refine.pdbx_overall_SU_R_free_Blow_DPI          ? 
# 
_refine_hist.pdbx_refine_id                   'X-RAY DIFFRACTION' 
_refine_hist.cycle_id                         LAST 
_refine_hist.pdbx_number_atoms_protein        0 
_refine_hist.pdbx_number_atoms_nucleic_acid   426 
_refine_hist.pdbx_number_atoms_ligand         1 
_refine_hist.number_atoms_solvent             100 
_refine_hist.number_atoms_total               527 
_refine_hist.d_res_high                       1.80 
_refine_hist.d_res_low                        20.0 
# 
loop_
_refine_ls_restr.type 
_refine_ls_restr.dev_ideal 
_refine_ls_restr.dev_ideal_target 
_refine_ls_restr.weight 
_refine_ls_restr.number 
_refine_ls_restr.pdbx_refine_id 
_refine_ls_restr.pdbx_restraint_function 
c_bond_d    0.008 ? ? ? 'X-RAY DIFFRACTION' ? 
c_angle_deg 1.28  ? ? ? 'X-RAY DIFFRACTION' ? 
# 
_refine_ls_shell.pdbx_total_number_of_bins_used   ? 
_refine_ls_shell.d_res_high                       1.80 
_refine_ls_shell.d_res_low                        1.86 
_refine_ls_shell.number_reflns_R_work             ? 
_refine_ls_shell.R_factor_R_work                  0.2281 
_refine_ls_shell.percent_reflns_obs               78.8 
_refine_ls_shell.R_factor_R_free                  0.2634 
_refine_ls_shell.R_factor_R_free_error            ? 
_refine_ls_shell.percent_reflns_R_free            ? 
_refine_ls_shell.number_reflns_R_free             38 
_refine_ls_shell.redundancy_reflns_obs            ? 
_refine_ls_shell.pdbx_refine_id                   'X-RAY DIFFRACTION' 
_refine_ls_shell.number_reflns_all                ? 
_refine_ls_shell.R_factor_all                     ? 
# 
_struct.entry_id                  1YBC 
_struct.title                     
;Crystal structure of the A-DNA GCGTAT*CGC with a 2'-O-[2-(benzyloxy)ethyl] Thymidine (T*)
;
_struct.pdbx_model_details        ? 
_struct.pdbx_CASP_flag            ? 
_struct.pdbx_model_type_details   ? 
# 
_struct_keywords.entry_id        1YBC 
_struct_keywords.pdbx_keywords   DNA 
_struct_keywords.text            
;A-DNA, O2'-modification, decamer, DNA
;
# 
loop_
_struct_asym.id 
_struct_asym.pdbx_blank_PDB_chainid_flag 
_struct_asym.pdbx_modified 
_struct_asym.entity_id 
_struct_asym.details 
A N N 1 ? 
B N N 1 ? 
C N N 2 ? 
D N N 3 ? 
E N N 3 ? 
# 
_struct_biol.id                    1 
_struct_biol.details               'Chains A and B form duplex' 
_struct_biol.pdbx_parent_biol_id   ? 
# 
loop_
_struct_conn.id 
_struct_conn.conn_type_id 
_struct_conn.pdbx_leaving_atom_flag 
_struct_conn.pdbx_PDB_id 
_struct_conn.ptnr1_label_asym_id 
_struct_conn.ptnr1_label_comp_id 
_struct_conn.ptnr1_label_seq_id 
_struct_conn.ptnr1_label_atom_id 
_struct_conn.pdbx_ptnr1_label_alt_id 
_struct_conn.pdbx_ptnr1_PDB_ins_code 
_struct_conn.pdbx_ptnr1_standard_comp_id 
_struct_conn.ptnr1_symmetry 
_struct_conn.ptnr2_label_asym_id 
_struct_conn.ptnr2_label_comp_id 
_struct_conn.ptnr2_label_seq_id 
_struct_conn.ptnr2_label_atom_id 
_struct_conn.pdbx_ptnr2_label_alt_id 
_struct_conn.pdbx_ptnr2_PDB_ins_code 
_struct_conn.ptnr1_auth_asym_id 
_struct_conn.ptnr1_auth_comp_id 
_struct_conn.ptnr1_auth_seq_id 
_struct_conn.ptnr2_auth_asym_id 
_struct_conn.ptnr2_auth_comp_id 
_struct_conn.ptnr2_auth_seq_id 
_struct_conn.ptnr2_symmetry 
_struct_conn.pdbx_ptnr3_label_atom_id 
_struct_conn.pdbx_ptnr3_label_seq_id 
_struct_conn.pdbx_ptnr3_label_comp_id 
_struct_conn.pdbx_ptnr3_label_asym_id 
_struct_conn.pdbx_ptnr3_label_alt_id 
_struct_conn.pdbx_ptnr3_PDB_ins_code 
_struct_conn.details 
_struct_conn.pdbx_dist_value 
_struct_conn.pdbx_value_order 
_struct_conn.pdbx_role 
covale1  covale both ? A DA  5  "O3'" ? ? ? 1_555 A BOE 6  P  ? ? A DA  5   A BOE 6   1_555 ? ? ? ? ? ? ?            1.602 ? ? 
covale2  covale both ? A BOE 6  "O3'" ? ? ? 1_555 A DA  7  P  ? ? A BOE 6   A DA  7   1_555 ? ? ? ? ? ? ?            1.594 ? ? 
covale3  covale both ? B DA  5  "O3'" ? ? ? 1_555 B BOE 6  P  ? ? B DA  15  B BOE 16  1_555 ? ? ? ? ? ? ?            1.605 ? ? 
covale4  covale both ? B BOE 6  "O3'" ? ? ? 1_555 B DA  7  P  ? ? B BOE 16  B DA  17  1_555 ? ? ? ? ? ? ?            1.594 ? ? 
metalc1  metalc ?    ? A DG  3  O6    ? ? ? 1_555 C SR  .  SR ? ? A DG  3   A SR  100 1_555 ? ? ? ? ? ? ?            2.694 ? ? 
metalc2  metalc ?    ? C SR  .  SR    ? ? ? 1_555 D HOH .  O  ? ? A SR  100 A HOH 101 1_555 ? ? ? ? ? ? ?            2.448 ? ? 
metalc3  metalc ?    ? C SR  .  SR    ? ? ? 1_555 D HOH .  O  ? ? A SR  100 A HOH 104 1_555 ? ? ? ? ? ? ?            2.685 ? ? 
metalc4  metalc ?    ? C SR  .  SR    ? ? ? 1_555 D HOH .  O  ? ? A SR  100 A HOH 105 1_555 ? ? ? ? ? ? ?            2.539 ? ? 
metalc5  metalc ?    ? C SR  .  SR    ? ? ? 1_555 E HOH .  O  ? ? A SR  100 B HOH 102 1_555 ? ? ? ? ? ? ?            2.610 ? ? 
metalc6  metalc ?    ? C SR  .  SR    ? ? ? 1_555 E HOH .  O  ? ? A SR  100 B HOH 103 1_555 ? ? ? ? ? ? ?            2.855 ? ? 
metalc7  metalc ?    ? C SR  .  SR    ? ? ? 1_555 E HOH .  O  ? ? A SR  100 B HOH 106 1_555 ? ? ? ? ? ? ?            2.623 ? ? 
hydrog1  hydrog ?    ? A DG  1  N1    ? ? ? 1_555 B DC  10 N3 ? ? A DG  1   B DC  20  1_555 ? ? ? ? ? ? WATSON-CRICK ?     ? ? 
hydrog2  hydrog ?    ? A DG  1  N2    ? ? ? 1_555 B DC  10 O2 ? ? A DG  1   B DC  20  1_555 ? ? ? ? ? ? WATSON-CRICK ?     ? ? 
hydrog3  hydrog ?    ? A DG  1  O6    ? ? ? 1_555 B DC  10 N4 ? ? A DG  1   B DC  20  1_555 ? ? ? ? ? ? WATSON-CRICK ?     ? ? 
hydrog4  hydrog ?    ? A DC  2  N3    ? ? ? 1_555 B DG  9  N1 ? ? A DC  2   B DG  19  1_555 ? ? ? ? ? ? WATSON-CRICK ?     ? ? 
hydrog5  hydrog ?    ? A DC  2  N4    ? ? ? 1_555 B DG  9  O6 ? ? A DC  2   B DG  19  1_555 ? ? ? ? ? ? WATSON-CRICK ?     ? ? 
hydrog6  hydrog ?    ? A DC  2  O2    ? ? ? 1_555 B DG  9  N2 ? ? A DC  2   B DG  19  1_555 ? ? ? ? ? ? WATSON-CRICK ?     ? ? 
hydrog7  hydrog ?    ? A DG  3  N1    ? ? ? 1_555 B DC  8  N3 ? ? A DG  3   B DC  18  1_555 ? ? ? ? ? ? WATSON-CRICK ?     ? ? 
hydrog8  hydrog ?    ? A DG  3  N2    ? ? ? 1_555 B DC  8  O2 ? ? A DG  3   B DC  18  1_555 ? ? ? ? ? ? WATSON-CRICK ?     ? ? 
hydrog9  hydrog ?    ? A DG  3  O6    ? ? ? 1_555 B DC  8  N4 ? ? A DG  3   B DC  18  1_555 ? ? ? ? ? ? WATSON-CRICK ?     ? ? 
hydrog10 hydrog ?    ? A DT  4  N3    ? ? ? 1_555 B DA  7  N1 ? ? A DT  4   B DA  17  1_555 ? ? ? ? ? ? WATSON-CRICK ?     ? ? 
hydrog11 hydrog ?    ? A DT  4  O4    ? ? ? 1_555 B DA  7  N6 ? ? A DT  4   B DA  17  1_555 ? ? ? ? ? ? WATSON-CRICK ?     ? ? 
hydrog12 hydrog ?    ? A DA  5  N1    ? ? ? 1_555 B BOE 6  N3 ? ? A DA  5   B BOE 16  1_555 ? ? ? ? ? ? WATSON-CRICK ?     ? ? 
hydrog13 hydrog ?    ? A DA  5  N6    ? ? ? 1_555 B BOE 6  O4 ? ? A DA  5   B BOE 16  1_555 ? ? ? ? ? ? WATSON-CRICK ?     ? ? 
hydrog14 hydrog ?    ? A BOE 6  N3    ? ? ? 1_555 B DA  5  N1 ? ? A BOE 6   B DA  15  1_555 ? ? ? ? ? ? WATSON-CRICK ?     ? ? 
hydrog15 hydrog ?    ? A BOE 6  O4    ? ? ? 1_555 B DA  5  N6 ? ? A BOE 6   B DA  15  1_555 ? ? ? ? ? ? WATSON-CRICK ?     ? ? 
hydrog16 hydrog ?    ? A DA  7  N1    ? ? ? 1_555 B DT  4  N3 ? ? A DA  7   B DT  14  1_555 ? ? ? ? ? ? WATSON-CRICK ?     ? ? 
hydrog17 hydrog ?    ? A DA  7  N6    ? ? ? 1_555 B DT  4  O4 ? ? A DA  7   B DT  14  1_555 ? ? ? ? ? ? WATSON-CRICK ?     ? ? 
hydrog18 hydrog ?    ? A DC  8  N3    ? ? ? 1_555 B DG  3  N1 ? ? A DC  8   B DG  13  1_555 ? ? ? ? ? ? WATSON-CRICK ?     ? ? 
hydrog19 hydrog ?    ? A DC  8  N4    ? ? ? 1_555 B DG  3  O6 ? ? A DC  8   B DG  13  1_555 ? ? ? ? ? ? WATSON-CRICK ?     ? ? 
hydrog20 hydrog ?    ? A DC  8  O2    ? ? ? 1_555 B DG  3  N2 ? ? A DC  8   B DG  13  1_555 ? ? ? ? ? ? WATSON-CRICK ?     ? ? 
hydrog21 hydrog ?    ? A DG  9  N1    ? ? ? 1_555 B DC  2  N3 ? ? A DG  9   B DC  12  1_555 ? ? ? ? ? ? WATSON-CRICK ?     ? ? 
hydrog22 hydrog ?    ? A DG  9  N2    ? ? ? 1_555 B DC  2  O2 ? ? A DG  9   B DC  12  1_555 ? ? ? ? ? ? WATSON-CRICK ?     ? ? 
hydrog23 hydrog ?    ? A DG  9  O6    ? ? ? 1_555 B DC  2  N4 ? ? A DG  9   B DC  12  1_555 ? ? ? ? ? ? WATSON-CRICK ?     ? ? 
hydrog24 hydrog ?    ? A DC  10 N3    ? ? ? 1_555 B DG  1  N1 ? ? A DC  10  B DG  11  1_555 ? ? ? ? ? ? WATSON-CRICK ?     ? ? 
hydrog25 hydrog ?    ? A DC  10 N4    ? ? ? 1_555 B DG  1  O6 ? ? A DC  10  B DG  11  1_555 ? ? ? ? ? ? WATSON-CRICK ?     ? ? 
hydrog26 hydrog ?    ? A DC  10 O2    ? ? ? 1_555 B DG  1  N2 ? ? A DC  10  B DG  11  1_555 ? ? ? ? ? ? WATSON-CRICK ?     ? ? 
# 
loop_
_struct_conn_type.id 
_struct_conn_type.criteria 
_struct_conn_type.reference 
covale ? ? 
metalc ? ? 
hydrog ? ? 
# 
_struct_site.id                   AC1 
_struct_site.pdbx_evidence_code   Software 
_struct_site.pdbx_auth_asym_id    A 
_struct_site.pdbx_auth_comp_id    SR 
_struct_site.pdbx_auth_seq_id     100 
_struct_site.pdbx_auth_ins_code   ? 
_struct_site.pdbx_num_residues    7 
_struct_site.details              'BINDING SITE FOR RESIDUE SR A 100' 
# 
loop_
_struct_site_gen.id 
_struct_site_gen.site_id 
_struct_site_gen.pdbx_num_res 
_struct_site_gen.label_comp_id 
_struct_site_gen.label_asym_id 
_struct_site_gen.label_seq_id 
_struct_site_gen.pdbx_auth_ins_code 
_struct_site_gen.auth_comp_id 
_struct_site_gen.auth_asym_id 
_struct_site_gen.auth_seq_id 
_struct_site_gen.label_atom_id 
_struct_site_gen.label_alt_id 
_struct_site_gen.symmetry 
_struct_site_gen.details 
1 AC1 7 DG  A 3 ? DG  A 3   . ? 1_555 ? 
2 AC1 7 HOH D . ? HOH A 101 . ? 1_555 ? 
3 AC1 7 HOH D . ? HOH A 104 . ? 1_555 ? 
4 AC1 7 HOH D . ? HOH A 105 . ? 1_555 ? 
5 AC1 7 HOH E . ? HOH B 102 . ? 1_555 ? 
6 AC1 7 HOH E . ? HOH B 103 . ? 1_555 ? 
7 AC1 7 HOH E . ? HOH B 106 . ? 1_555 ? 
# 
_atom_sites.entry_id                    1YBC 
_atom_sites.fract_transf_matrix[1][1]   0.02181154 
_atom_sites.fract_transf_matrix[1][2]   -0.00656124 
_atom_sites.fract_transf_matrix[1][3]   -0.03275877 
_atom_sites.fract_transf_matrix[2][1]   0.01748486 
_atom_sites.fract_transf_matrix[2][2]   0.01056336 
_atom_sites.fract_transf_matrix[2][3]   0.00952609 
_atom_sites.fract_transf_matrix[3][1]   0.00693556 
_atom_sites.fract_transf_matrix[3][2]   -0.01909301 
_atom_sites.fract_transf_matrix[3][3]   0.00844198 
_atom_sites.fract_transf_vector[1]      0.119372 
_atom_sites.fract_transf_vector[2]      0.003858 
_atom_sites.fract_transf_vector[3]      0.211128 
# 
loop_
_atom_type.symbol 
C  
N  
O  
P  
SR 
# 
loop_
_atom_site.group_PDB 
_atom_site.id 
_atom_site.type_symbol 
_atom_site.label_atom_id 
_atom_site.label_alt_id 
_atom_site.label_comp_id 
_atom_site.label_asym_id 
_atom_site.label_entity_id 
_atom_site.label_seq_id 
_atom_site.pdbx_PDB_ins_code 
_atom_site.Cartn_x 
_atom_site.Cartn_y 
_atom_site.Cartn_z 
_atom_site.occupancy 
_atom_site.B_iso_or_equiv 
_atom_site.pdbx_formal_charge 
_atom_site.auth_seq_id 
_atom_site.auth_comp_id 
_atom_site.auth_asym_id 
_atom_site.auth_atom_id 
_atom_site.pdbx_PDB_model_num 
ATOM   1   O  "O5'" . DG  A 1 1  ? 1.951   -10.792 -5.400  1.00 37.83 ? 1   DG  A "O5'" 1 
ATOM   2   C  "C5'" . DG  A 1 1  ? 1.705   -12.197 -5.257  1.00 31.82 ? 1   DG  A "C5'" 1 
ATOM   3   C  "C4'" . DG  A 1 1  ? 2.535   -12.834 -4.165  1.00 28.79 ? 1   DG  A "C4'" 1 
ATOM   4   O  "O4'" . DG  A 1 1  ? 3.925   -12.904 -4.549  1.00 29.77 ? 1   DG  A "O4'" 1 
ATOM   5   C  "C3'" . DG  A 1 1  ? 2.532   -12.098 -2.836  1.00 28.72 ? 1   DG  A "C3'" 1 
ATOM   6   O  "O3'" . DG  A 1 1  ? 1.405   -12.501 -2.053  1.00 25.44 ? 1   DG  A "O3'" 1 
ATOM   7   C  "C2'" . DG  A 1 1  ? 3.842   -12.551 -2.210  1.00 25.82 ? 1   DG  A "C2'" 1 
ATOM   8   C  "C1'" . DG  A 1 1  ? 4.767   -12.696 -3.413  1.00 25.36 ? 1   DG  A "C1'" 1 
ATOM   9   N  N9    . DG  A 1 1  ? 5.531   -11.481 -3.670  1.00 26.87 ? 1   DG  A N9    1 
ATOM   10  C  C8    . DG  A 1 1  ? 5.379   -10.629 -4.742  1.00 26.19 ? 1   DG  A C8    1 
ATOM   11  N  N7    . DG  A 1 1  ? 6.170   -9.596  -4.687  1.00 27.23 ? 1   DG  A N7    1 
ATOM   12  C  C5    . DG  A 1 1  ? 6.895   -9.782  -3.518  1.00 24.54 ? 1   DG  A C5    1 
ATOM   13  C  C6    . DG  A 1 1  ? 7.895   -8.984  -2.922  1.00 22.87 ? 1   DG  A C6    1 
ATOM   14  O  O6    . DG  A 1 1  ? 8.345   -7.907  -3.303  1.00 24.08 ? 1   DG  A O6    1 
ATOM   15  N  N1    . DG  A 1 1  ? 8.364   -9.550  -1.734  1.00 20.44 ? 1   DG  A N1    1 
ATOM   16  C  C2    . DG  A 1 1  ? 7.920   -10.724 -1.190  1.00 19.55 ? 1   DG  A C2    1 
ATOM   17  N  N2    . DG  A 1 1  ? 8.504   -11.114 -0.041  1.00 20.04 ? 1   DG  A N2    1 
ATOM   18  N  N3    . DG  A 1 1  ? 6.981   -11.469 -1.726  1.00 21.70 ? 1   DG  A N3    1 
ATOM   19  C  C4    . DG  A 1 1  ? 6.516   -10.945 -2.884  1.00 24.58 ? 1   DG  A C4    1 
ATOM   20  P  P     . DC  A 1 2  ? 0.707   -11.446 -1.083  1.00 27.79 ? 2   DC  A P     1 
ATOM   21  O  OP1   . DC  A 1 2  ? -0.548  -12.050 -0.563  1.00 30.51 ? 2   DC  A OP1   1 
ATOM   22  O  OP2   . DC  A 1 2  ? 0.672   -10.140 -1.811  1.00 26.58 ? 2   DC  A OP2   1 
ATOM   23  O  "O5'" . DC  A 1 2  ? 1.736   -11.301 0.124   1.00 24.99 ? 2   DC  A "O5'" 1 
ATOM   24  C  "C5'" . DC  A 1 2  ? 2.157   -12.455 0.878   1.00 24.09 ? 2   DC  A "C5'" 1 
ATOM   25  C  "C4'" . DC  A 1 2  ? 3.293   -12.070 1.796   1.00 22.53 ? 2   DC  A "C4'" 1 
ATOM   26  O  "O4'" . DC  A 1 2  ? 4.421   -11.691 0.985   1.00 22.92 ? 2   DC  A "O4'" 1 
ATOM   27  C  "C3'" . DC  A 1 2  ? 2.992   -10.837 2.639   1.00 22.34 ? 2   DC  A "C3'" 1 
ATOM   28  O  "O3'" . DC  A 1 2  ? 2.330   -11.189 3.850   1.00 23.18 ? 2   DC  A "O3'" 1 
ATOM   29  C  "C2'" . DC  A 1 2  ? 4.373   -10.245 2.879   1.00 22.84 ? 2   DC  A "C2'" 1 
ATOM   30  C  "C1'" . DC  A 1 2  ? 5.104   -10.590 1.582   1.00 22.47 ? 2   DC  A "C1'" 1 
ATOM   31  N  N1    . DC  A 1 2  ? 5.195   -9.489  0.597   1.00 22.01 ? 2   DC  A N1    1 
ATOM   32  C  C2    . DC  A 1 2  ? 6.216   -8.545  0.785   1.00 21.22 ? 2   DC  A C2    1 
ATOM   33  O  O2    . DC  A 1 2  ? 6.955   -8.682  1.748   1.00 21.04 ? 2   DC  A O2    1 
ATOM   34  N  N3    . DC  A 1 2  ? 6.370   -7.519  -0.086  1.00 21.69 ? 2   DC  A N3    1 
ATOM   35  C  C4    . DC  A 1 2  ? 5.561   -7.417  -1.132  1.00 22.71 ? 2   DC  A C4    1 
ATOM   36  N  N4    . DC  A 1 2  ? 5.798   -6.424  -1.988  1.00 21.82 ? 2   DC  A N4    1 
ATOM   37  C  C5    . DC  A 1 2  ? 4.483   -8.346  -1.350  1.00 22.71 ? 2   DC  A C5    1 
ATOM   38  C  C6    . DC  A 1 2  ? 4.340   -9.364  -0.462  1.00 23.43 ? 2   DC  A C6    1 
ATOM   39  P  P     . DG  A 1 3  ? 1.638   -10.041 4.744   1.00 28.45 ? 3   DG  A P     1 
ATOM   40  O  OP1   . DG  A 1 3  ? 1.121   -10.743 5.953   1.00 27.26 ? 3   DG  A OP1   1 
ATOM   41  O  OP2   . DG  A 1 3  ? 0.713   -9.214  3.915   1.00 25.14 ? 3   DG  A OP2   1 
ATOM   42  O  "O5'" . DG  A 1 3  ? 2.887   -9.150  5.174   1.00 24.84 ? 3   DG  A "O5'" 1 
ATOM   43  C  "C5'" . DG  A 1 3  ? 2.789   -7.724  5.360   1.00 20.49 ? 3   DG  A "C5'" 1 
ATOM   44  C  "C4'" . DG  A 1 3  ? 4.155   -7.171  5.679   1.00 19.82 ? 3   DG  A "C4'" 1 
ATOM   45  O  "O4'" . DG  A 1 3  ? 4.942   -7.243  4.483   1.00 20.30 ? 3   DG  A "O4'" 1 
ATOM   46  C  "C3'" . DG  A 1 3  ? 4.162   -5.698  6.068   1.00 21.70 ? 3   DG  A "C3'" 1 
ATOM   47  O  "O3'" . DG  A 1 3  ? 3.993   -5.529  7.482   1.00 21.33 ? 3   DG  A "O3'" 1 
ATOM   48  C  "C2'" . DG  A 1 3  ? 5.524   -5.230  5.617   1.00 20.47 ? 3   DG  A "C2'" 1 
ATOM   49  C  "C1'" . DG  A 1 3  ? 5.748   -6.078  4.364   1.00 21.20 ? 3   DG  A "C1'" 1 
ATOM   50  N  N9    . DG  A 1 3  ? 5.393   -5.414  3.110   1.00 20.91 ? 3   DG  A N9    1 
ATOM   51  C  C8    . DG  A 1 3  ? 4.450   -5.794  2.193   1.00 21.51 ? 3   DG  A C8    1 
ATOM   52  N  N7    . DG  A 1 3  ? 4.433   -5.032  1.134   1.00 19.84 ? 3   DG  A N7    1 
ATOM   53  C  C5    . DG  A 1 3  ? 5.401   -4.075  1.391   1.00 21.10 ? 3   DG  A C5    1 
ATOM   54  C  C6    . DG  A 1 3  ? 5.843   -2.977  0.610   1.00 21.38 ? 3   DG  A C6    1 
ATOM   55  O  O6    . DG  A 1 3  ? 5.406   -2.584  -0.471  1.00 21.70 ? 3   DG  A O6    1 
ATOM   56  N  N1    . DG  A 1 3  ? 6.882   -2.292  1.224   1.00 17.87 ? 3   DG  A N1    1 
ATOM   57  C  C2    . DG  A 1 3  ? 7.389   -2.596  2.472   1.00 20.03 ? 3   DG  A C2    1 
ATOM   58  N  N2    . DG  A 1 3  ? 8.378   -1.797  2.945   1.00 21.69 ? 3   DG  A N2    1 
ATOM   59  N  N3    . DG  A 1 3  ? 6.964   -3.594  3.212   1.00 19.80 ? 3   DG  A N3    1 
ATOM   60  C  C4    . DG  A 1 3  ? 5.987   -4.292  2.613   1.00 20.13 ? 3   DG  A C4    1 
ATOM   61  P  P     . DT  A 1 4  ? 3.285   -4.212  8.036   1.00 25.43 ? 4   DT  A P     1 
ATOM   62  O  OP1   . DT  A 1 4  ? 3.143   -4.447  9.519   1.00 25.43 ? 4   DT  A OP1   1 
ATOM   63  O  OP2   . DT  A 1 4  ? 2.085   -3.839  7.242   1.00 21.07 ? 4   DT  A OP2   1 
ATOM   64  O  "O5'" . DT  A 1 4  ? 4.372   -3.091  7.806   1.00 23.27 ? 4   DT  A "O5'" 1 
ATOM   65  C  "C5'" . DT  A 1 4  ? 5.526   -2.989  8.651   1.00 21.75 ? 4   DT  A "C5'" 1 
ATOM   66  C  "C4'" . DT  A 1 4  ? 6.205   -1.665  8.402   1.00 24.65 ? 4   DT  A "C4'" 1 
ATOM   67  O  "O4'" . DT  A 1 4  ? 6.786   -1.609  7.067   1.00 25.16 ? 4   DT  A "O4'" 1 
ATOM   68  C  "C3'" . DT  A 1 4  ? 5.243   -0.491  8.445   1.00 24.50 ? 4   DT  A "C3'" 1 
ATOM   69  O  "O3'" . DT  A 1 4  ? 4.996   -0.067  9.793   1.00 25.18 ? 4   DT  A "O3'" 1 
ATOM   70  C  "C2'" . DT  A 1 4  ? 5.954   0.555   7.603   1.00 21.73 ? 4   DT  A "C2'" 1 
ATOM   71  C  "C1'" . DT  A 1 4  ? 6.678   -0.271  6.544   1.00 22.42 ? 4   DT  A "C1'" 1 
ATOM   72  N  N1    . DT  A 1 4  ? 5.948   -0.346  5.257   1.00 21.22 ? 4   DT  A N1    1 
ATOM   73  C  C2    . DT  A 1 4  ? 6.226   0.544   4.217   1.00 22.80 ? 4   DT  A C2    1 
ATOM   74  O  O2    . DT  A 1 4  ? 7.047   1.457   4.286   1.00 21.55 ? 4   DT  A O2    1 
ATOM   75  N  N3    . DT  A 1 4  ? 5.489   0.322   3.073   1.00 18.45 ? 4   DT  A N3    1 
ATOM   76  C  C4    . DT  A 1 4  ? 4.525   -0.654  2.877   1.00 19.42 ? 4   DT  A C4    1 
ATOM   77  O  O4    . DT  A 1 4  ? 3.966   -0.751  1.797   1.00 15.56 ? 4   DT  A O4    1 
ATOM   78  C  C5    . DT  A 1 4  ? 4.258   -1.499  4.010   1.00 16.52 ? 4   DT  A C5    1 
ATOM   79  C  C7    . DT  A 1 4  ? 3.183   -2.532  3.906   1.00 19.77 ? 4   DT  A C7    1 
ATOM   80  C  C6    . DT  A 1 4  ? 4.981   -1.316  5.118   1.00 20.32 ? 4   DT  A C6    1 
ATOM   81  P  P     . DA  A 1 5  ? 3.614   0.646   10.141  1.00 29.23 ? 5   DA  A P     1 
ATOM   82  O  OP1   . DA  A 1 5  ? 3.673   1.048   11.574  1.00 33.40 ? 5   DA  A OP1   1 
ATOM   83  O  OP2   . DA  A 1 5  ? 2.459   -0.141  9.648   1.00 30.00 ? 5   DA  A OP2   1 
ATOM   84  O  "O5'" . DA  A 1 5  ? 3.709   1.962   9.248   1.00 25.97 ? 5   DA  A "O5'" 1 
ATOM   85  C  "C5'" . DA  A 1 5  ? 2.570   2.488   8.569   1.00 26.07 ? 5   DA  A "C5'" 1 
ATOM   86  C  "C4'" . DA  A 1 5  ? 2.983   3.680   7.738   1.00 25.20 ? 5   DA  A "C4'" 1 
ATOM   87  O  "O4'" . DA  A 1 5  ? 3.859   3.255   6.675   1.00 25.42 ? 5   DA  A "O4'" 1 
ATOM   88  C  "C3'" . DA  A 1 5  ? 1.861   4.434   7.042   1.00 23.55 ? 5   DA  A "C3'" 1 
ATOM   89  O  "O3'" . DA  A 1 5  ? 1.299   5.417   7.912   1.00 26.16 ? 5   DA  A "O3'" 1 
ATOM   90  C  "C2'" . DA  A 1 5  ? 2.592   5.101   5.894   1.00 24.17 ? 5   DA  A "C2'" 1 
ATOM   91  C  "C1'" . DA  A 1 5  ? 3.623   4.044   5.517   1.00 21.19 ? 5   DA  A "C1'" 1 
ATOM   92  N  N9    . DA  A 1 5  ? 3.095   3.156   4.488   1.00 22.25 ? 5   DA  A N9    1 
ATOM   93  C  C8    . DA  A 1 5  ? 2.570   1.892   4.620   1.00 19.81 ? 5   DA  A C8    1 
ATOM   94  N  N7    . DA  A 1 5  ? 2.167   1.373   3.488   1.00 20.65 ? 5   DA  A N7    1 
ATOM   95  C  C5    . DA  A 1 5  ? 2.444   2.360   2.546   1.00 19.84 ? 5   DA  A C5    1 
ATOM   96  C  C6    . DA  A 1 5  ? 2.256   2.437   1.139   1.00 19.30 ? 5   DA  A C6    1 
ATOM   97  N  N6    . DA  A 1 5  ? 1.683   1.491   0.405   1.00 16.57 ? 5   DA  A N6    1 
ATOM   98  N  N1    . DA  A 1 5  ? 2.679   3.555   0.516   1.00 18.12 ? 5   DA  A N1    1 
ATOM   99  C  C2    . DA  A 1 5  ? 3.233   4.530   1.242   1.00 17.41 ? 5   DA  A C2    1 
ATOM   100 N  N3    . DA  A 1 5  ? 3.439   4.590   2.551   1.00 20.68 ? 5   DA  A N3    1 
ATOM   101 C  C4    . DA  A 1 5  ? 3.021   3.457   3.149   1.00 20.24 ? 5   DA  A C4    1 
HETATM 102 P  P     . BOE A 1 6  ? -0.253  5.798   7.795   1.00 26.65 ? 6   BOE A P     1 
HETATM 103 O  OP1   . BOE A 1 6  ? -0.532  6.768   8.895   1.00 33.38 ? 6   BOE A OP1   1 
HETATM 104 O  OP2   . BOE A 1 6  ? -1.099  4.594   7.668   1.00 26.67 ? 6   BOE A OP2   1 
HETATM 105 O  "O5'" . BOE A 1 6  ? -0.308  6.646   6.460   1.00 28.79 ? 6   BOE A "O5'" 1 
HETATM 106 C  "C5'" . BOE A 1 6  ? 0.368   7.905   6.394   1.00 26.70 ? 6   BOE A "C5'" 1 
HETATM 107 C  "C4'" . BOE A 1 6  ? 0.315   8.448   4.997   1.00 26.01 ? 6   BOE A "C4'" 1 
HETATM 108 O  "O4'" . BOE A 1 6  ? 1.079   7.588   4.108   1.00 27.63 ? 6   BOE A "O4'" 1 
HETATM 109 C  "C1'" . BOE A 1 6  ? 0.464   7.569   2.824   1.00 23.79 ? 6   BOE A "C1'" 1 
HETATM 110 N  N1    . BOE A 1 6  ? 0.046   6.174   2.512   1.00 22.44 ? 6   BOE A N1    1 
HETATM 111 C  C6    . BOE A 1 6  ? -0.218  5.231   3.487   1.00 20.96 ? 6   BOE A C6    1 
HETATM 112 C  C2    . BOE A 1 6  ? -0.071  5.873   1.177   1.00 21.42 ? 6   BOE A C2    1 
HETATM 113 O  O2    . BOE A 1 6  ? 0.171   6.692   0.307   1.00 21.16 ? 6   BOE A O2    1 
HETATM 114 N  N3    . BOE A 1 6  ? -0.484  4.588   0.900   1.00 21.64 ? 6   BOE A N3    1 
HETATM 115 C  C4    . BOE A 1 6  ? -0.789  3.602   1.821   1.00 22.98 ? 6   BOE A C4    1 
HETATM 116 O  O4    . BOE A 1 6  ? -1.182  2.504   1.444   1.00 22.21 ? 6   BOE A O4    1 
HETATM 117 C  C5    . BOE A 1 6  ? -0.629  3.981   3.211   1.00 22.30 ? 6   BOE A C5    1 
HETATM 118 C  C5M   . BOE A 1 6  ? -0.949  2.968   4.259   1.00 21.04 ? 6   BOE A C5M   1 
HETATM 119 C  "C2'" . BOE A 1 6  ? -0.732  8.523   2.876   1.00 23.94 ? 6   BOE A "C2'" 1 
HETATM 120 O  "O2'" . BOE A 1 6  ? -0.260  9.862   2.650   1.00 25.47 ? 6   BOE A "O2'" 1 
HETATM 121 C  "CB'" . BOE A 1 6  ? 0.265   10.104  1.357   1.00 29.83 ? 6   BOE A "CB'" 1 
HETATM 122 C  "CC'" . BOE A 1 6  ? 0.669   11.565  1.351   1.00 35.49 ? 6   BOE A "CC'" 1 
HETATM 123 O  "OD'" . BOE A 1 6  ? -0.496  12.214  1.833   1.00 39.66 ? 6   BOE A "OD'" 1 
HETATM 124 C  "CE'" . BOE A 1 6  ? -0.608  13.602  1.583   1.00 40.52 ? 6   BOE A "CE'" 1 
HETATM 125 C  "CF'" . BOE A 1 6  ? -2.021  14.011  1.944   1.00 42.57 ? 6   BOE A "CF'" 1 
HETATM 126 C  "CG'" . BOE A 1 6  ? -2.415  14.132  3.271   1.00 42.20 ? 6   BOE A "CG'" 1 
HETATM 127 C  "CH'" . BOE A 1 6  ? -3.728  14.500  3.570   1.00 44.51 ? 6   BOE A "CH'" 1 
HETATM 128 C  "CI'" . BOE A 1 6  ? -4.657  14.751  2.567   1.00 43.71 ? 6   BOE A "CI'" 1 
HETATM 129 C  "CJ'" . BOE A 1 6  ? -4.257  14.631  1.240   1.00 44.62 ? 6   BOE A "CJ'" 1 
HETATM 130 C  "CK'" . BOE A 1 6  ? -2.946  14.263  0.935   1.00 44.06 ? 6   BOE A "CK'" 1 
HETATM 131 C  "C3'" . BOE A 1 6  ? -1.064  8.488   4.357   1.00 26.04 ? 6   BOE A "C3'" 1 
HETATM 132 O  "O3'" . BOE A 1 6  ? -1.846  9.594   4.756   1.00 26.75 ? 6   BOE A "O3'" 1 
ATOM   133 P  P     . DA  A 1 7  ? -3.431  9.436   4.831   1.00 27.60 ? 7   DA  A P     1 
ATOM   134 O  OP1   . DA  A 1 7  ? -3.931  10.654  5.533   1.00 29.27 ? 7   DA  A OP1   1 
ATOM   135 O  OP2   . DA  A 1 7  ? -3.805  8.102   5.315   1.00 21.96 ? 7   DA  A OP2   1 
ATOM   136 O  "O5'" . DA  A 1 7  ? -3.867  9.518   3.304   1.00 26.32 ? 7   DA  A "O5'" 1 
ATOM   137 C  "C5'" . DA  A 1 7  ? -3.576  10.694  2.546   1.00 21.34 ? 7   DA  A "C5'" 1 
ATOM   138 C  "C4'" . DA  A 1 7  ? -3.919  10.467  1.102   1.00 21.14 ? 7   DA  A "C4'" 1 
ATOM   139 O  "O4'" . DA  A 1 7  ? -3.002  9.504   0.549   1.00 19.57 ? 7   DA  A "O4'" 1 
ATOM   140 C  "C3'" . DA  A 1 7  ? -5.299  9.882   0.826   1.00 20.52 ? 7   DA  A "C3'" 1 
ATOM   141 O  "O3'" . DA  A 1 7  ? -6.326  10.874  0.810   1.00 22.45 ? 7   DA  A "O3'" 1 
ATOM   142 C  "C2'" . DA  A 1 7  ? -5.101  9.274   -0.552  1.00 23.48 ? 7   DA  A "C2'" 1 
ATOM   143 C  "C1'" . DA  A 1 7  ? -3.671  8.761   -0.478  1.00 21.64 ? 7   DA  A "C1'" 1 
ATOM   144 N  N9    . DA  A 1 7  ? -3.680  7.367   -0.067  1.00 22.14 ? 7   DA  A N9    1 
ATOM   145 C  C8    . DA  A 1 7  ? -3.584  6.860   1.208   1.00 21.62 ? 7   DA  A C8    1 
ATOM   146 N  N7    . DA  A 1 7  ? -3.675  5.559   1.255   1.00 20.11 ? 7   DA  A N7    1 
ATOM   147 C  C5    . DA  A 1 7  ? -3.811  5.186   -0.077  1.00 20.03 ? 7   DA  A C5    1 
ATOM   148 C  C6    . DA  A 1 7  ? -3.960  3.930   -0.692  1.00 20.73 ? 7   DA  A C6    1 
ATOM   149 N  N6    . DA  A 1 7  ? -3.950  2.785   -0.010  1.00 19.28 ? 7   DA  A N6    1 
ATOM   150 N  N1    . DA  A 1 7  ? -4.116  3.897   -2.043  1.00 18.11 ? 7   DA  A N1    1 
ATOM   151 C  C2    . DA  A 1 7  ? -4.111  5.060   -2.710  1.00 20.40 ? 7   DA  A C2    1 
ATOM   152 N  N3    . DA  A 1 7  ? -3.974  6.304   -2.238  1.00 19.93 ? 7   DA  A N3    1 
ATOM   153 C  C4    . DA  A 1 7  ? -3.825  6.287   -0.898  1.00 21.83 ? 7   DA  A C4    1 
ATOM   154 P  P     . DC  A 1 8  ? -7.837  10.451  1.154   1.00 24.10 ? 8   DC  A P     1 
ATOM   155 O  OP1   . DC  A 1 8  ? -8.652  11.707  1.164   1.00 23.57 ? 8   DC  A OP1   1 
ATOM   156 O  OP2   . DC  A 1 8  ? -7.849  9.563   2.319   1.00 25.35 ? 8   DC  A OP2   1 
ATOM   157 O  "O5'" . DC  A 1 8  ? -8.332  9.626   -0.113  1.00 23.24 ? 8   DC  A "O5'" 1 
ATOM   158 C  "C5'" . DC  A 1 8  ? -8.399  10.263  -1.394  1.00 23.13 ? 8   DC  A "C5'" 1 
ATOM   159 C  "C4'" . DC  A 1 8  ? -8.624  9.240   -2.477  1.00 21.61 ? 8   DC  A "C4'" 1 
ATOM   160 O  "O4'" . DC  A 1 8  ? -7.510  8.316   -2.522  1.00 21.82 ? 8   DC  A "O4'" 1 
ATOM   161 C  "C3'" . DC  A 1 8  ? -9.850  8.344   -2.314  1.00 21.32 ? 8   DC  A "C3'" 1 
ATOM   162 O  "O3'" . DC  A 1 8  ? -11.064 8.994   -2.727  1.00 25.93 ? 8   DC  A "O3'" 1 
ATOM   163 C  "C2'" . DC  A 1 8  ? -9.473  7.173   -3.205  1.00 18.65 ? 8   DC  A "C2'" 1 
ATOM   164 C  "C1'" . DC  A 1 8  ? -7.980  7.044   -2.954  1.00 20.76 ? 8   DC  A "C1'" 1 
ATOM   165 N  N1    . DC  A 1 8  ? -7.711  6.069   -1.888  1.00 22.11 ? 8   DC  A N1    1 
ATOM   166 C  C2    . DC  A 1 8  ? -7.622  4.721   -2.243  1.00 19.59 ? 8   DC  A C2    1 
ATOM   167 O  O2    . DC  A 1 8  ? -7.765  4.405   -3.433  1.00 19.72 ? 8   DC  A O2    1 
ATOM   168 N  N3    . DC  A 1 8  ? -7.404  3.804   -1.295  1.00 20.44 ? 8   DC  A N3    1 
ATOM   169 C  C4    . DC  A 1 8  ? -7.290  4.168   -0.017  1.00 22.13 ? 8   DC  A C4    1 
ATOM   170 N  N4    . DC  A 1 8  ? -7.101  3.195   0.895   1.00 22.30 ? 8   DC  A N4    1 
ATOM   171 C  C5    . DC  A 1 8  ? -7.366  5.537   0.385   1.00 21.50 ? 8   DC  A C5    1 
ATOM   172 C  C6    . DC  A 1 8  ? -7.569  6.449   -0.577  1.00 21.86 ? 8   DC  A C6    1 
ATOM   173 P  P     . DG  A 1 9  ? -12.478 8.489   -2.146  1.00 24.60 ? 9   DG  A P     1 
ATOM   174 O  OP1   . DG  A 1 9  ? -13.500 9.417   -2.646  1.00 28.59 ? 9   DG  A OP1   1 
ATOM   175 O  OP2   . DG  A 1 9  ? -12.336 8.250   -0.688  1.00 28.02 ? 9   DG  A OP2   1 
ATOM   176 O  "O5'" . DG  A 1 9  ? -12.701 7.086   -2.858  1.00 23.08 ? 9   DG  A "O5'" 1 
ATOM   177 C  "C5'" . DG  A 1 9  ? -12.806 6.990   -4.279  1.00 19.43 ? 9   DG  A "C5'" 1 
ATOM   178 C  "C4'" . DG  A 1 9  ? -12.991 5.549   -4.700  1.00 21.26 ? 9   DG  A "C4'" 1 
ATOM   179 O  "O4'" . DG  A 1 9  ? -11.768 4.797   -4.524  1.00 23.51 ? 9   DG  A "O4'" 1 
ATOM   180 C  "C3'" . DG  A 1 9  ? -14.033 4.770   -3.901  1.00 23.54 ? 9   DG  A "C3'" 1 
ATOM   181 O  "O3'" . DG  A 1 9  ? -15.341 4.995   -4.390  1.00 23.88 ? 9   DG  A "O3'" 1 
ATOM   182 C  "C2'" . DG  A 1 9  ? -13.616 3.335   -4.150  1.00 24.04 ? 9   DG  A "C2'" 1 
ATOM   183 C  "C1'" . DG  A 1 9  ? -12.099 3.447   -4.171  1.00 21.84 ? 9   DG  A "C1'" 1 
ATOM   184 N  N9    . DG  A 1 9  ? -11.602 3.188   -2.829  1.00 21.05 ? 9   DG  A N9    1 
ATOM   185 C  C8    . DG  A 1 9  ? -11.259 4.091   -1.857  1.00 20.91 ? 9   DG  A C8    1 
ATOM   186 N  N7    . DG  A 1 9  ? -10.859 3.525   -0.752  1.00 20.15 ? 9   DG  A N7    1 
ATOM   187 C  C5    . DG  A 1 9  ? -10.943 2.167   -1.012  1.00 21.71 ? 9   DG  A C5    1 
ATOM   188 C  C6    . DG  A 1 9  ? -10.620 1.032   -0.191  1.00 22.19 ? 9   DG  A C6    1 
ATOM   189 O  O6    . DG  A 1 9  ? -10.150 1.007   0.964   1.00 23.66 ? 9   DG  A O6    1 
ATOM   190 N  N1    . DG  A 1 9  ? -10.896 -0.157  -0.850  1.00 22.11 ? 9   DG  A N1    1 
ATOM   191 C  C2    . DG  A 1 9  ? -11.402 -0.257  -2.124  1.00 23.28 ? 9   DG  A C2    1 
ATOM   192 N  N2    . DG  A 1 9  ? -11.669 -1.496  -2.569  1.00 24.81 ? 9   DG  A N2    1 
ATOM   193 N  N3    . DG  A 1 9  ? -11.650 0.782   -2.908  1.00 23.06 ? 9   DG  A N3    1 
ATOM   194 C  C4    . DG  A 1 9  ? -11.411 1.945   -2.288  1.00 20.60 ? 9   DG  A C4    1 
ATOM   195 P  P     . DC  A 1 10 ? -16.596 4.677   -3.449  1.00 24.74 ? 10  DC  A P     1 
ATOM   196 O  OP1   . DC  A 1 10 ? -17.783 4.999   -4.265  1.00 26.74 ? 10  DC  A OP1   1 
ATOM   197 O  OP2   . DC  A 1 10 ? -16.418 5.286   -2.112  1.00 26.29 ? 10  DC  A OP2   1 
ATOM   198 O  "O5'" . DC  A 1 10 ? -16.554 3.097   -3.269  1.00 22.60 ? 10  DC  A "O5'" 1 
ATOM   199 C  "C5'" . DC  A 1 10 ? -16.798 2.233   -4.372  1.00 20.59 ? 10  DC  A "C5'" 1 
ATOM   200 C  "C4'" . DC  A 1 10 ? -16.894 0.804   -3.895  1.00 19.43 ? 10  DC  A "C4'" 1 
ATOM   201 O  "O4'" . DC  A 1 10 ? -15.603 0.349   -3.440  1.00 22.40 ? 10  DC  A "O4'" 1 
ATOM   202 C  "C3'" . DC  A 1 10 ? -17.824 0.565   -2.711  1.00 20.49 ? 10  DC  A "C3'" 1 
ATOM   203 O  "O3'" . DC  A 1 10 ? -19.170 0.304   -3.097  1.00 20.72 ? 10  DC  A "O3'" 1 
ATOM   204 C  "C2'" . DC  A 1 10 ? -17.247 -0.697  -2.091  1.00 21.29 ? 10  DC  A "C2'" 1 
ATOM   205 C  "C1'" . DC  A 1 10 ? -15.759 -0.575  -2.369  1.00 21.31 ? 10  DC  A "C1'" 1 
ATOM   206 N  N1    . DC  A 1 10 ? -15.007 -0.085  -1.211  1.00 20.50 ? 10  DC  A N1    1 
ATOM   207 C  C2    . DC  A 1 10 ? -14.576 -1.026  -0.285  1.00 21.86 ? 10  DC  A C2    1 
ATOM   208 O  O2    . DC  A 1 10 ? -14.823 -2.213  -0.503  1.00 20.91 ? 10  DC  A O2    1 
ATOM   209 N  N3    . DC  A 1 10 ? -13.911 -0.625  0.820   1.00 20.66 ? 10  DC  A N3    1 
ATOM   210 C  C4    . DC  A 1 10 ? -13.682 0.669   1.014   1.00 20.38 ? 10  DC  A C4    1 
ATOM   211 N  N4    . DC  A 1 10 ? -13.069 1.021   2.136   1.00 19.24 ? 10  DC  A N4    1 
ATOM   212 C  C5    . DC  A 1 10 ? -14.089 1.662   0.063   1.00 18.93 ? 10  DC  A C5    1 
ATOM   213 C  C6    . DC  A 1 10 ? -14.739 1.240   -1.026  1.00 19.83 ? 10  DC  A C6    1 
ATOM   214 O  "O5'" . DG  B 1 1  ? -8.442  -6.316  7.531   1.00 43.39 ? 11  DG  B "O5'" 1 
ATOM   215 C  "C5'" . DG  B 1 1  ? -8.747  -7.710  7.338   1.00 39.99 ? 11  DG  B "C5'" 1 
ATOM   216 C  "C4'" . DG  B 1 1  ? -9.692  -7.997  6.193   1.00 34.63 ? 11  DG  B "C4'" 1 
ATOM   217 O  "O4'" . DG  B 1 1  ? -10.899 -7.206  6.350   1.00 34.53 ? 11  DG  B "O4'" 1 
ATOM   218 C  "C3'" . DG  B 1 1  ? -9.157  -7.621  4.819   1.00 36.06 ? 11  DG  B "C3'" 1 
ATOM   219 O  "O3'" . DG  B 1 1  ? -8.354  -8.657  4.222   1.00 33.42 ? 11  DG  B "O3'" 1 
ATOM   220 C  "C2'" . DG  B 1 1  ? -10.425 -7.348  4.024   1.00 32.29 ? 11  DG  B "C2'" 1 
ATOM   221 C  "C1'" . DG  B 1 1  ? -11.369 -6.764  5.072   1.00 32.58 ? 11  DG  B "C1'" 1 
ATOM   222 N  N9    . DG  B 1 1  ? -11.402 -5.300  5.076   1.00 29.11 ? 11  DG  B N9    1 
ATOM   223 C  C8    . DG  B 1 1  ? -10.888 -4.461  6.039   1.00 29.90 ? 11  DG  B C8    1 
ATOM   224 N  N7    . DG  B 1 1  ? -11.095 -3.199  5.780   1.00 29.65 ? 11  DG  B N7    1 
ATOM   225 C  C5    . DG  B 1 1  ? -11.779 -3.199  4.565   1.00 29.01 ? 11  DG  B C5    1 
ATOM   226 C  C6    . DG  B 1 1  ? -12.258 -2.120  3.771   1.00 27.94 ? 11  DG  B C6    1 
ATOM   227 O  O6    . DG  B 1 1  ? -12.178 -0.924  3.990   1.00 27.63 ? 11  DG  B O6    1 
ATOM   228 N  N1    . DG  B 1 1  ? -12.879 -2.566  2.610   1.00 26.59 ? 11  DG  B N1    1 
ATOM   229 C  C2    . DG  B 1 1  ? -13.015 -3.886  2.259   1.00 26.95 ? 11  DG  B C2    1 
ATOM   230 N  N2    . DG  B 1 1  ? -13.650 -4.136  1.105   1.00 25.72 ? 11  DG  B N2    1 
ATOM   231 N  N3    . DG  B 1 1  ? -12.567 -4.893  2.983   1.00 26.91 ? 11  DG  B N3    1 
ATOM   232 C  C4    . DG  B 1 1  ? -11.970 -4.484  4.115   1.00 28.78 ? 11  DG  B C4    1 
ATOM   233 P  P     . DC  B 1 2  ? -7.278  -8.254  3.106   1.00 37.55 ? 12  DC  B P     1 
ATOM   234 O  OP1   . DC  B 1 2  ? -6.440  -9.420  2.708   1.00 35.68 ? 12  DC  B OP1   1 
ATOM   235 O  OP2   . DC  B 1 2  ? -6.619  -7.000  3.556   1.00 40.27 ? 12  DC  B OP2   1 
ATOM   236 O  "O5'" . DC  B 1 2  ? -8.166  -7.894  1.838   1.00 36.41 ? 12  DC  B "O5'" 1 
ATOM   237 C  "C5'" . DC  B 1 2  ? -8.969  -8.901  1.202   1.00 31.22 ? 12  DC  B "C5'" 1 
ATOM   238 C  "C4'" . DC  B 1 2  ? -9.749  -8.292  0.063   1.00 28.03 ? 12  DC  B "C4'" 1 
ATOM   239 O  "O4'" . DC  B 1 2  ? -10.673 -7.304  0.586   1.00 25.52 ? 12  DC  B "O4'" 1 
ATOM   240 C  "C3'" . DC  B 1 2  ? -8.910  -7.541  -0.956  1.00 30.15 ? 12  DC  B "C3'" 1 
ATOM   241 O  "O3'" . DC  B 1 2  ? -8.322  -8.416  -1.931  1.00 28.84 ? 12  DC  B "O3'" 1 
ATOM   242 C  "C2'" . DC  B 1 2  ? -9.920  -6.568  -1.544  1.00 23.64 ? 12  DC  B "C2'" 1 
ATOM   243 C  "C1'" . DC  B 1 2  ? -10.775 -6.213  -0.331  1.00 22.39 ? 12  DC  B "C1'" 1 
ATOM   244 N  N1    . DC  B 1 2  ? -10.321 -4.993  0.359   1.00 24.07 ? 12  DC  B N1    1 
ATOM   245 C  C2    . DC  B 1 2  ? -10.662 -3.750  -0.193  1.00 21.93 ? 12  DC  B C2    1 
ATOM   246 O  O2    . DC  B 1 2  ? -11.238 -3.731  -1.282  1.00 22.66 ? 12  DC  B O2    1 
ATOM   247 N  N3    . DC  B 1 2  ? -10.327 -2.624  0.453   1.00 22.56 ? 12  DC  B N3    1 
ATOM   248 C  C4    . DC  B 1 2  ? -9.610  -2.685  1.573   1.00 23.08 ? 12  DC  B C4    1 
ATOM   249 N  N4    . DC  B 1 2  ? -9.279  -1.535  2.165   1.00 23.50 ? 12  DC  B N4    1 
ATOM   250 C  C5    . DC  B 1 2  ? -9.197  -3.930  2.134   1.00 24.56 ? 12  DC  B C5    1 
ATOM   251 C  C6    . DC  B 1 2  ? -9.583  -5.051  1.505   1.00 22.10 ? 12  DC  B C6    1 
ATOM   252 P  P     . DG  B 1 3  ? -6.911  -8.022  -2.595  1.00 35.92 ? 13  DG  B P     1 
ATOM   253 O  OP1   . DG  B 1 3  ? -6.490  -9.045  -3.580  1.00 33.15 ? 13  DG  B OP1   1 
ATOM   254 O  OP2   . DG  B 1 3  ? -5.996  -7.636  -1.513  1.00 32.89 ? 13  DG  B OP2   1 
ATOM   255 O  "O5'" . DG  B 1 3  ? -7.203  -6.708  -3.428  1.00 30.92 ? 13  DG  B "O5'" 1 
ATOM   256 C  "C5'" . DG  B 1 3  ? -8.030  -6.778  -4.557  1.00 29.65 ? 13  DG  B "C5'" 1 
ATOM   257 C  "C4'" . DG  B 1 3  ? -8.308  -5.394  -5.074  1.00 28.14 ? 13  DG  B "C4'" 1 
ATOM   258 O  "O4'" . DG  B 1 3  ? -9.035  -4.607  -4.106  1.00 27.21 ? 13  DG  B "O4'" 1 
ATOM   259 C  "C3'" . DG  B 1 3  ? -7.089  -4.550  -5.386  1.00 24.00 ? 13  DG  B "C3'" 1 
ATOM   260 O  "O3'" . DG  B 1 3  ? -6.520  -4.963  -6.606  1.00 22.94 ? 13  DG  B "O3'" 1 
ATOM   261 C  "C2'" . DG  B 1 3  ? -7.712  -3.173  -5.462  1.00 24.85 ? 13  DG  B "C2'" 1 
ATOM   262 C  "C1'" . DG  B 1 3  ? -8.763  -3.226  -4.365  1.00 24.55 ? 13  DG  B "C1'" 1 
ATOM   263 N  N9    . DG  B 1 3  ? -8.263  -2.613  -3.139  1.00 25.77 ? 13  DG  B N9    1 
ATOM   264 C  C8    . DG  B 1 3  ? -7.816  -3.225  -1.983  1.00 23.24 ? 13  DG  B C8    1 
ATOM   265 N  N7    . DG  B 1 3  ? -7.420  -2.372  -1.073  1.00 23.23 ? 13  DG  B N7    1 
ATOM   266 C  C5    . DG  B 1 3  ? -7.617  -1.121  -1.661  1.00 22.86 ? 13  DG  B C5    1 
ATOM   267 C  C6    . DG  B 1 3  ? -7.375  0.188   -1.157  1.00 23.59 ? 13  DG  B C6    1 
ATOM   268 O  O6    . DG  B 1 3  ? -6.909  0.510   -0.059  1.00 23.44 ? 13  DG  B O6    1 
ATOM   269 N  N1    . DG  B 1 3  ? -7.734  1.174   -2.083  1.00 21.35 ? 13  DG  B N1    1 
ATOM   270 C  C2    . DG  B 1 3  ? -8.237  0.930   -3.330  1.00 23.19 ? 13  DG  B C2    1 
ATOM   271 N  N2    . DG  B 1 3  ? -8.508  2.001   -4.094  1.00 20.05 ? 13  DG  B N2    1 
ATOM   272 N  N3    . DG  B 1 3  ? -8.460  -0.287  -3.816  1.00 24.96 ? 13  DG  B N3    1 
ATOM   273 C  C4    . DG  B 1 3  ? -8.133  -1.252  -2.932  1.00 24.91 ? 13  DG  B C4    1 
ATOM   274 P  P     . DT  B 1 4  ? -5.016  -4.567  -6.950  1.00 23.89 ? 14  DT  B P     1 
ATOM   275 O  OP1   . DT  B 1 4  ? -4.723  -5.192  -8.259  1.00 22.21 ? 14  DT  B OP1   1 
ATOM   276 O  OP2   . DT  B 1 4  ? -4.149  -4.836  -5.790  1.00 18.36 ? 14  DT  B OP2   1 
ATOM   277 O  "O5'" . DT  B 1 4  ? -5.071  -2.986  -7.178  1.00 21.66 ? 14  DT  B "O5'" 1 
ATOM   278 C  "C5'" . DT  B 1 4  ? -5.810  -2.438  -8.292  1.00 23.52 ? 14  DT  B "C5'" 1 
ATOM   279 C  "C4'" . DT  B 1 4  ? -5.686  -0.933  -8.346  1.00 20.91 ? 14  DT  B "C4'" 1 
ATOM   280 O  "O4'" . DT  B 1 4  ? -6.427  -0.338  -7.255  1.00 21.86 ? 14  DT  B "O4'" 1 
ATOM   281 C  "C3'" . DT  B 1 4  ? -4.291  -0.343  -8.225  1.00 21.79 ? 14  DT  B "C3'" 1 
ATOM   282 O  "O3'" . DT  B 1 4  ? -3.569  -0.375  -9.454  1.00 24.94 ? 14  DT  B "O3'" 1 
ATOM   283 C  "C2'" . DT  B 1 4  ? -4.586  1.069   -7.771  1.00 16.94 ? 14  DT  B "C2'" 1 
ATOM   284 C  "C1'" . DT  B 1 4  ? -5.764  0.850   -6.831  1.00 18.22 ? 14  DT  B "C1'" 1 
ATOM   285 N  N1    . DT  B 1 4  ? -5.277  0.644   -5.449  1.00 18.83 ? 14  DT  B N1    1 
ATOM   286 C  C2    . DT  B 1 4  ? -5.048  1.787   -4.702  1.00 18.60 ? 14  DT  B C2    1 
ATOM   287 O  O2    . DT  B 1 4  ? -5.208  2.904   -5.154  1.00 20.99 ? 14  DT  B O2    1 
ATOM   288 N  N3    . DT  B 1 4  ? -4.601  1.565   -3.417  1.00 21.00 ? 14  DT  B N3    1 
ATOM   289 C  C4    . DT  B 1 4  ? -4.349  0.339   -2.820  1.00 19.34 ? 14  DT  B C4    1 
ATOM   290 O  O4    . DT  B 1 4  ? -3.940  0.287   -1.650  1.00 19.75 ? 14  DT  B O4    1 
ATOM   291 C  C5    . DT  B 1 4  ? -4.596  -0.821  -3.663  1.00 18.05 ? 14  DT  B C5    1 
ATOM   292 C  C7    . DT  B 1 4  ? -4.337  -2.190  -3.098  1.00 14.72 ? 14  DT  B C7    1 
ATOM   293 C  C6    . DT  B 1 4  ? -5.043  -0.611  -4.920  1.00 17.77 ? 14  DT  B C6    1 
ATOM   294 P  P     . DA  B 1 5  ? -1.981  -0.434  -9.416  1.00 28.76 ? 15  DA  B P     1 
ATOM   295 O  OP1   . DA  B 1 5  ? -1.541  -0.619  -10.814 1.00 30.12 ? 15  DA  B OP1   1 
ATOM   296 O  OP2   . DA  B 1 5  ? -1.478  -1.346  -8.351  1.00 24.61 ? 15  DA  B OP2   1 
ATOM   297 O  "O5'" . DA  B 1 5  ? -1.581  1.035   -8.948  1.00 25.56 ? 15  DA  B "O5'" 1 
ATOM   298 C  "C5'" . DA  B 1 5  ? -1.955  2.162   -9.718  1.00 25.68 ? 15  DA  B "C5'" 1 
ATOM   299 C  "C4'" . DA  B 1 5  ? -1.582  3.426   -8.983  1.00 21.60 ? 15  DA  B "C4'" 1 
ATOM   300 O  "O4'" . DA  B 1 5  ? -2.391  3.535   -7.793  1.00 21.46 ? 15  DA  B "O4'" 1 
ATOM   301 C  "C3'" . DA  B 1 5  ? -0.159  3.492   -8.463  1.00 23.31 ? 15  DA  B "C3'" 1 
ATOM   302 O  "O3'" . DA  B 1 5  ? 0.771   3.894   -9.451  1.00 24.38 ? 15  DA  B "O3'" 1 
ATOM   303 C  "C2'" . DA  B 1 5  ? -0.273  4.520   -7.358  1.00 21.20 ? 15  DA  B "C2'" 1 
ATOM   304 C  "C1'" . DA  B 1 5  ? -1.636  4.183   -6.771  1.00 21.20 ? 15  DA  B "C1'" 1 
ATOM   305 N  N9    . DA  B 1 5  ? -1.522  3.265   -5.647  1.00 17.90 ? 15  DA  B N9    1 
ATOM   306 C  C8    . DA  B 1 5  ? -1.697  1.900   -5.611  1.00 19.57 ? 15  DA  B C8    1 
ATOM   307 N  N7    . DA  B 1 5  ? -1.557  1.383   -4.407  1.00 19.72 ? 15  DA  B N7    1 
ATOM   308 C  C5    . DA  B 1 5  ? -1.262  2.486   -3.606  1.00 18.04 ? 15  DA  B C5    1 
ATOM   309 C  C6    . DA  B 1 5  ? -1.025  2.620   -2.231  1.00 17.69 ? 15  DA  B C6    1 
ATOM   310 N  N6    . DA  B 1 5  ? -1.078  1.597   -1.376  1.00 16.93 ? 15  DA  B N6    1 
ATOM   311 N  N1    . DA  B 1 5  ? -0.743  3.857   -1.759  1.00 19.66 ? 15  DA  B N1    1 
ATOM   312 C  C2    . DA  B 1 5  ? -0.720  4.886   -2.618  1.00 16.36 ? 15  DA  B C2    1 
ATOM   313 N  N3    . DA  B 1 5  ? -0.947  4.891   -3.925  1.00 18.53 ? 15  DA  B N3    1 
ATOM   314 C  C4    . DA  B 1 5  ? -1.220  3.643   -4.363  1.00 19.28 ? 15  DA  B C4    1 
HETATM 315 P  P     . BOE B 1 6  ? 2.316   3.489   -9.291  1.00 24.28 ? 16  BOE B P     1 
HETATM 316 O  OP1   . BOE B 1 6  ? 2.961   3.774   -10.589 1.00 27.49 ? 16  BOE B OP1   1 
HETATM 317 O  OP2   . BOE B 1 6  ? 2.455   2.170   -8.695  1.00 24.07 ? 16  BOE B OP2   1 
HETATM 318 O  "O5'" . BOE B 1 6  ? 2.907   4.486   -8.210  1.00 21.94 ? 16  BOE B "O5'" 1 
HETATM 319 C  "C5'" . BOE B 1 6  ? 2.914   5.905   -8.430  1.00 18.93 ? 16  BOE B "C5'" 1 
HETATM 320 C  "C4'" . BOE B 1 6  ? 3.360   6.623   -7.180  1.00 22.33 ? 16  BOE B "C4'" 1 
HETATM 321 O  "O4'" . BOE B 1 6  ? 2.353   6.517   -6.122  1.00 20.65 ? 16  BOE B "O4'" 1 
HETATM 322 C  "C1'" . BOE B 1 6  ? 3.014   6.462   -4.862  1.00 21.37 ? 16  BOE B "C1'" 1 
HETATM 323 N  N1    . BOE B 1 6  ? 2.763   5.143   -4.257  1.00 21.94 ? 16  BOE B N1    1 
HETATM 324 C  C6    . BOE B 1 6  ? 2.490   4.030   -5.020  1.00 21.42 ? 16  BOE B C6    1 
HETATM 325 C  C2    . BOE B 1 6  ? 2.813   5.083   -2.890  1.00 22.38 ? 16  BOE B C2    1 
HETATM 326 O  O2    . BOE B 1 6  ? 3.082   6.057   -2.202  1.00 22.37 ? 16  BOE B O2    1 
HETATM 327 N  N3    . BOE B 1 6  ? 2.542   3.845   -2.360  1.00 20.69 ? 16  BOE B N3    1 
HETATM 328 C  C4    . BOE B 1 6  ? 2.244   2.696   -3.052  1.00 20.96 ? 16  BOE B C4    1 
HETATM 329 O  O4    . BOE B 1 6  ? 1.994   1.684   -2.442  1.00 19.88 ? 16  BOE B O4    1 
HETATM 330 C  C5    . BOE B 1 6  ? 2.241   2.821   -4.498  1.00 20.71 ? 16  BOE B C5    1 
HETATM 331 C  C5M   . BOE B 1 6  ? 1.970   1.612   -5.339  1.00 19.54 ? 16  BOE B C5M   1 
HETATM 332 C  "C2'" . BOE B 1 6  ? 4.511   6.636   -5.115  1.00 22.73 ? 16  BOE B "C2'" 1 
HETATM 333 O  "O2'" . BOE B 1 6  ? 4.740   8.060   -5.165  1.00 26.26 ? 16  BOE B "O2'" 1 
HETATM 334 C  "CB'" . BOE B 1 6  ? 4.407   8.829   -4.016  1.00 27.88 ? 16  BOE B "CB'" 1 
HETATM 335 C  "CC'" . BOE B 1 6  ? 5.110   10.174  -4.096  1.00 29.97 ? 16  BOE B "CC'" 1 
HETATM 336 O  "OD'" . BOE B 1 6  ? 6.501   9.910   -4.271  1.00 33.82 ? 16  BOE B "OD'" 1 
HETATM 337 C  "CE'" . BOE B 1 6  ? 7.281   11.096  -4.449  1.00 36.23 ? 16  BOE B "CE'" 1 
HETATM 338 C  "CF'" . BOE B 1 6  ? 8.744   10.770  -4.249  1.00 37.00 ? 16  BOE B "CF'" 1 
HETATM 339 C  "CG'" . BOE B 1 6  ? 9.494   10.199  -5.275  1.00 39.66 ? 16  BOE B "CG'" 1 
HETATM 340 C  "CH'" . BOE B 1 6  ? 10.824  9.839   -5.059  1.00 38.35 ? 16  BOE B "CH'" 1 
HETATM 341 C  "CI'" . BOE B 1 6  ? 11.406  10.057  -3.812  1.00 38.77 ? 16  BOE B "CI'" 1 
HETATM 342 C  "CJ'" . BOE B 1 6  ? 10.657  10.634  -2.785  1.00 38.99 ? 16  BOE B "CJ'" 1 
HETATM 343 C  "CK'" . BOE B 1 6  ? 9.329   10.991  -3.008  1.00 38.52 ? 16  BOE B "CK'" 1 
HETATM 344 C  "C3'" . BOE B 1 6  ? 4.622   6.083   -6.528  1.00 21.36 ? 16  BOE B "C3'" 1 
HETATM 345 O  "O3'" . BOE B 1 6  ? 5.801   6.501   -7.171  1.00 24.37 ? 16  BOE B "O3'" 1 
ATOM   346 P  P     . DA  B 1 7  ? 7.076   5.545   -7.169  1.00 27.80 ? 17  DA  B P     1 
ATOM   347 O  OP1   . DA  B 1 7  ? 8.054   6.143   -8.134  1.00 27.33 ? 17  DA  B OP1   1 
ATOM   348 O  OP2   . DA  B 1 7  ? 6.680   4.111   -7.300  1.00 26.60 ? 17  DA  B OP2   1 
ATOM   349 O  "O5'" . DA  B 1 7  ? 7.677   5.743   -5.712  1.00 26.68 ? 17  DA  B "O5'" 1 
ATOM   350 C  "C5'" . DA  B 1 7  ? 8.116   7.032   -5.270  1.00 26.09 ? 17  DA  B "C5'" 1 
ATOM   351 C  "C4'" . DA  B 1 7  ? 8.517   6.975   -3.815  1.00 26.06 ? 17  DA  B "C4'" 1 
ATOM   352 O  "O4'" . DA  B 1 7  ? 7.361   6.788   -2.973  1.00 26.84 ? 17  DA  B "O4'" 1 
ATOM   353 C  "C3'" . DA  B 1 7  ? 9.451   5.831   -3.437  1.00 25.80 ? 17  DA  B "C3'" 1 
ATOM   354 O  "O3'" . DA  B 1 7  ? 10.818  6.136   -3.720  1.00 30.86 ? 17  DA  B "O3'" 1 
ATOM   355 C  "C2'" . DA  B 1 7  ? 9.215   5.703   -1.949  1.00 25.98 ? 17  DA  B "C2'" 1 
ATOM   356 C  "C1'" . DA  B 1 7  ? 7.740   6.016   -1.826  1.00 24.99 ? 17  DA  B "C1'" 1 
ATOM   357 N  N9    . DA  B 1 7  ? 6.961   4.777   -1.836  1.00 25.95 ? 17  DA  B N9    1 
ATOM   358 C  C8    . DA  B 1 7  ? 6.393   4.139   -2.909  1.00 23.63 ? 17  DA  B C8    1 
ATOM   359 N  N7    . DA  B 1 7  ? 5.765   3.038   -2.597  1.00 22.56 ? 17  DA  B N7    1 
ATOM   360 C  C5    . DA  B 1 7  ? 5.924   2.938   -1.220  1.00 24.36 ? 17  DA  B C5    1 
ATOM   361 C  C6    . DA  B 1 7  ? 5.476   1.980   -0.274  1.00 22.03 ? 17  DA  B C6    1 
ATOM   362 N  N6    . DA  B 1 7  ? 4.743   0.907   -0.598  1.00 17.75 ? 17  DA  B N6    1 
ATOM   363 N  N1    . DA  B 1 7  ? 5.812   2.172   1.014   1.00 20.76 ? 17  DA  B N1    1 
ATOM   364 C  C2    . DA  B 1 7  ? 6.548   3.250   1.334   1.00 22.28 ? 17  DA  B C2    1 
ATOM   365 N  N3    . DA  B 1 7  ? 7.017   4.221   0.541   1.00 24.12 ? 17  DA  B N3    1 
ATOM   366 C  C4    . DA  B 1 7  ? 6.664   4.001   -0.737  1.00 24.47 ? 17  DA  B C4    1 
ATOM   367 P  P     . DC  B 1 8  ? 11.820  4.957   -4.149  1.00 32.63 ? 18  DC  B P     1 
ATOM   368 O  OP1   . DC  B 1 8  ? 13.126  5.595   -4.412  1.00 37.56 ? 18  DC  B OP1   1 
ATOM   369 O  OP2   . DC  B 1 8  ? 11.192  4.091   -5.176  1.00 34.74 ? 18  DC  B OP2   1 
ATOM   370 O  "O5'" . DC  B 1 8  ? 11.988  4.073   -2.835  1.00 34.76 ? 18  DC  B "O5'" 1 
ATOM   371 C  "C5'" . DC  B 1 8  ? 12.562  4.617   -1.646  1.00 34.05 ? 18  DC  B "C5'" 1 
ATOM   372 C  "C4'" . DC  B 1 8  ? 12.308  3.697   -0.471  1.00 33.15 ? 18  DC  B "C4'" 1 
ATOM   373 O  "O4'" . DC  B 1 8  ? 10.892  3.594   -0.182  1.00 31.77 ? 18  DC  B "O4'" 1 
ATOM   374 C  "C3'" . DC  B 1 8  ? 12.765  2.245   -0.581  1.00 33.03 ? 18  DC  B "C3'" 1 
ATOM   375 O  "O3'" . DC  B 1 8  ? 14.141  2.090   -0.273  1.00 32.87 ? 18  DC  B "O3'" 1 
ATOM   376 C  "C2'" . DC  B 1 8  ? 11.953  1.585   0.515   1.00 29.81 ? 18  DC  B "C2'" 1 
ATOM   377 C  "C1'" . DC  B 1 8  ? 10.636  2.343   0.475   1.00 29.72 ? 18  DC  B "C1'" 1 
ATOM   378 N  N1    . DC  B 1 8  ? 9.657   1.570   -0.315  1.00 28.18 ? 18  DC  B N1    1 
ATOM   379 C  C2    . DC  B 1 8  ? 8.885   0.607   0.357   1.00 26.81 ? 18  DC  B C2    1 
ATOM   380 O  O2    . DC  B 1 8  ? 9.039   0.467   1.594   1.00 24.19 ? 18  DC  B O2    1 
ATOM   381 N  N3    . DC  B 1 8  ? 8.016   -0.156  -0.349  1.00 25.89 ? 18  DC  B N3    1 
ATOM   382 C  C4    . DC  B 1 8  ? 7.919   -0.010  -1.674  1.00 27.05 ? 18  DC  B C4    1 
ATOM   383 N  N4    . DC  B 1 8  ? 7.090   -0.824  -2.327  1.00 24.95 ? 18  DC  B N4    1 
ATOM   384 C  C5    . DC  B 1 8  ? 8.678   0.968   -2.384  1.00 26.17 ? 18  DC  B C5    1 
ATOM   385 C  C6    . DC  B 1 8  ? 9.522   1.742   -1.668  1.00 27.71 ? 18  DC  B C6    1 
ATOM   386 P  P     . DG  B 1 9  ? 14.890  0.730   -0.660  1.00 35.00 ? 19  DG  B P     1 
ATOM   387 O  OP1   . DG  B 1 9  ? 16.310  0.940   -0.310  1.00 36.33 ? 19  DG  B OP1   1 
ATOM   388 O  OP2   . DG  B 1 9  ? 14.523  0.290   -2.009  1.00 35.97 ? 19  DG  B OP2   1 
ATOM   389 O  "O5'" . DG  B 1 9  ? 14.349  -0.381  0.345   1.00 31.92 ? 19  DG  B "O5'" 1 
ATOM   390 C  "C5'" . DG  B 1 9  ? 14.699  -0.321  1.736   1.00 27.86 ? 19  DG  B "C5'" 1 
ATOM   391 C  "C4'" . DG  B 1 9  ? 13.886  -1.313  2.532   1.00 25.49 ? 19  DG  B "C4'" 1 
ATOM   392 O  "O4'" . DG  B 1 9  ? 12.479  -1.146  2.256   1.00 25.23 ? 19  DG  B "O4'" 1 
ATOM   393 C  "C3'" . DG  B 1 9  ? 14.148  -2.788  2.246   1.00 25.76 ? 19  DG  B "C3'" 1 
ATOM   394 O  "O3'" . DG  B 1 9  ? 15.292  -3.243  2.962   1.00 25.16 ? 19  DG  B "O3'" 1 
ATOM   395 C  "C2'" . DG  B 1 9  ? 12.882  -3.447  2.750   1.00 20.47 ? 19  DG  B "C2'" 1 
ATOM   396 C  "C1'" . DG  B 1 9  ? 11.826  -2.412  2.407   1.00 23.89 ? 19  DG  B "C1'" 1 
ATOM   397 N  N9    . DG  B 1 9  ? 11.134  -2.732  1.162   1.00 21.45 ? 19  DG  B N9    1 
ATOM   398 C  C8    . DG  B 1 9  ? 11.185  -2.094  -0.049  1.00 22.60 ? 19  DG  B C8    1 
ATOM   399 N  N7    . DG  B 1 9  ? 10.354  -2.602  -0.925  1.00 22.94 ? 19  DG  B N7    1 
ATOM   400 C  C5    . DG  B 1 9  ? 9.734   -3.649  -0.244  1.00 21.95 ? 19  DG  B C5    1 
ATOM   401 C  C6    . DG  B 1 9  ? 8.700   -4.563  -0.644  1.00 21.89 ? 19  DG  B C6    1 
ATOM   402 O  O6    . DG  B 1 9  ? 8.071   -4.612  -1.699  1.00 19.44 ? 19  DG  B O6    1 
ATOM   403 N  N1    . DG  B 1 9  ? 8.410   -5.477  0.358   1.00 22.03 ? 19  DG  B N1    1 
ATOM   404 C  C2    . DG  B 1 9  ? 9.011   -5.507  1.579   1.00 21.38 ? 19  DG  B C2    1 
ATOM   405 N  N2    . DG  B 1 9  ? 8.627   -6.488  2.403   1.00 21.66 ? 19  DG  B N2    1 
ATOM   406 N  N3    . DG  B 1 9  ? 9.931   -4.653  1.972   1.00 21.73 ? 19  DG  B N3    1 
ATOM   407 C  C4    . DG  B 1 9  ? 10.240  -3.762  1.023   1.00 23.20 ? 19  DG  B C4    1 
ATOM   408 P  P     . DC  B 1 10 ? 16.096  -4.514  2.433   1.00 24.76 ? 20  DC  B P     1 
ATOM   409 O  OP1   . DC  B 1 10 ? 17.304  -4.619  3.296   1.00 27.67 ? 20  DC  B OP1   1 
ATOM   410 O  OP2   . DC  B 1 10 ? 16.243  -4.442  0.964   1.00 26.80 ? 20  DC  B OP2   1 
ATOM   411 O  "O5'" . DC  B 1 10 ? 15.156  -5.757  2.729   1.00 24.11 ? 20  DC  B "O5'" 1 
ATOM   412 C  "C5'" . DC  B 1 10 ? 14.897  -6.202  4.071   1.00 20.51 ? 20  DC  B "C5'" 1 
ATOM   413 C  "C4'" . DC  B 1 10 ? 13.997  -7.416  4.048   1.00 24.51 ? 20  DC  B "C4'" 1 
ATOM   414 O  "O4'" . DC  B 1 10 ? 12.730  -7.064  3.461   1.00 21.35 ? 20  DC  B "O4'" 1 
ATOM   415 C  "C3'" . DC  B 1 10 ? 14.501  -8.583  3.207   1.00 23.16 ? 20  DC  B "C3'" 1 
ATOM   416 O  "O3'" . DC  B 1 10 ? 15.319  -9.478  3.959   1.00 28.34 ? 20  DC  B "O3'" 1 
ATOM   417 C  "C2'" . DC  B 1 10 ? 13.219  -9.305  2.840   1.00 25.63 ? 20  DC  B "C2'" 1 
ATOM   418 C  "C1'" . DC  B 1 10 ? 12.195  -8.183  2.763   1.00 22.26 ? 20  DC  B "C1'" 1 
ATOM   419 N  N1    . DC  B 1 10 ? 11.872  -7.756  1.391   1.00 22.69 ? 20  DC  B N1    1 
ATOM   420 C  C2    . DC  B 1 10 ? 10.879  -8.443  0.725   1.00 21.27 ? 20  DC  B C2    1 
ATOM   421 O  O2    . DC  B 1 10 ? 10.347  -9.413  1.300   1.00 22.18 ? 20  DC  B O2    1 
ATOM   422 N  N3    . DC  B 1 10 ? 10.519  -8.061  -0.520  1.00 21.46 ? 20  DC  B N3    1 
ATOM   423 C  C4    . DC  B 1 10 ? 11.135  -7.025  -1.107  1.00 21.06 ? 20  DC  B C4    1 
ATOM   424 N  N4    . DC  B 1 10 ? 10.723  -6.670  -2.339  1.00 18.35 ? 20  DC  B N4    1 
ATOM   425 C  C5    . DC  B 1 10 ? 12.183  -6.312  -0.457  1.00 21.71 ? 20  DC  B C5    1 
ATOM   426 C  C6    . DC  B 1 10 ? 12.519  -6.708  0.789   1.00 22.25 ? 20  DC  B C6    1 
HETATM 427 SR SR    . SR  C 2 .  ? 3.294   -3.136  -2.051  1.00 52.08 ? 100 SR  A SR    1 
HETATM 428 O  O     . HOH D 3 .  ? 5.307   -3.469  -3.403  1.00 36.40 ? 101 HOH A O     1 
HETATM 429 O  O     . HOH D 3 .  ? 2.294   -5.162  -0.600  1.00 30.96 ? 104 HOH A O     1 
HETATM 430 O  O     . HOH D 3 .  ? 2.287   -2.091  0.033   1.00 35.78 ? 105 HOH A O     1 
HETATM 431 O  O     . HOH D 3 .  ? -11.661 3.440   6.126   1.00 39.33 ? 108 HOH A O     1 
HETATM 432 O  O     . HOH D 3 .  ? 1.658   -0.890  7.004   1.00 27.95 ? 109 HOH A O     1 
HETATM 433 O  O     . HOH D 3 .  ? -10.842 1.966   7.722   1.00 33.75 ? 110 HOH A O     1 
HETATM 434 O  O     . HOH D 3 .  ? 0.112   -0.602  3.271   1.00 32.16 ? 111 HOH A O     1 
HETATM 435 O  O     . HOH D 3 .  ? -17.365 5.552   -6.726  1.00 31.06 ? 112 HOH A O     1 
HETATM 436 O  O     . HOH D 3 .  ? 0.681   -7.747  -0.579  1.00 34.06 ? 115 HOH A O     1 
HETATM 437 O  O     . HOH D 3 .  ? 4.016   8.895   5.629   1.00 29.30 ? 116 HOH A O     1 
HETATM 438 O  O     . HOH D 3 .  ? -2.316  -0.087  2.480   1.00 27.56 ? 119 HOH A O     1 
HETATM 439 O  O     . HOH D 3 .  ? 4.491   -7.637  12.830  1.00 39.18 ? 123 HOH A O     1 
HETATM 440 O  O     . HOH D 3 .  ? -4.178  4.308   3.574   1.00 25.01 ? 125 HOH A O     1 
HETATM 441 O  O     . HOH D 3 .  ? 2.631   -10.826 8.356   1.00 32.36 ? 126 HOH A O     1 
HETATM 442 O  O     . HOH D 3 .  ? -20.132 2.825   -3.430  1.00 21.99 ? 128 HOH A O     1 
HETATM 443 O  O     . HOH D 3 .  ? 5.164   -0.574  13.000  1.00 38.02 ? 130 HOH A O     1 
HETATM 444 O  O     . HOH D 3 .  ? 0.210   -4.892  5.684   1.00 27.34 ? 131 HOH A O     1 
HETATM 445 O  O     . HOH D 3 .  ? 2.200   3.744   12.076  1.00 38.77 ? 132 HOH A O     1 
HETATM 446 O  O     . HOH D 3 .  ? 7.358   -10.291 3.957   1.00 22.43 ? 133 HOH A O     1 
HETATM 447 O  O     . HOH D 3 .  ? -5.736  4.678   7.545   1.00 43.28 ? 134 HOH A O     1 
HETATM 448 O  O     . HOH D 3 .  ? 0.962   -4.771  2.661   1.00 40.26 ? 135 HOH A O     1 
HETATM 449 O  O     . HOH D 3 .  ? 0.170   -15.287 -3.222  1.00 50.32 ? 136 HOH A O     1 
HETATM 450 O  O     . HOH D 3 .  ? 4.615   6.926   3.473   1.00 20.78 ? 137 HOH A O     1 
HETATM 451 O  O     . HOH D 3 .  ? -13.986 5.623   0.029   1.00 44.80 ? 139 HOH A O     1 
HETATM 452 O  O     . HOH D 3 .  ? 1.331   -7.560  2.136   1.00 33.71 ? 140 HOH A O     1 
HETATM 453 O  O     . HOH D 3 .  ? 7.001   -8.702  6.168   1.00 38.23 ? 142 HOH A O     1 
HETATM 454 O  O     . HOH D 3 .  ? -7.637  1.563   4.601   1.00 42.88 ? 143 HOH A O     1 
HETATM 455 O  O     . HOH D 3 .  ? 8.785   -3.089  10.284  1.00 30.18 ? 144 HOH A O     1 
HETATM 456 O  O     . HOH D 3 .  ? -3.336  5.471   5.911   1.00 27.87 ? 145 HOH A O     1 
HETATM 457 O  O     . HOH D 3 .  ? -7.023  3.804   3.501   1.00 36.23 ? 146 HOH A O     1 
HETATM 458 O  O     . HOH D 3 .  ? 6.374   -9.130  8.522   1.00 39.74 ? 147 HOH A O     1 
HETATM 459 O  O     . HOH D 3 .  ? 8.583   -1.146  12.532  1.00 33.01 ? 148 HOH A O     1 
HETATM 460 O  O     . HOH D 3 .  ? 2.889   -9.201  16.679  1.00 35.62 ? 149 HOH A O     1 
HETATM 461 O  O     . HOH D 3 .  ? -4.447  1.519   3.138   1.00 33.12 ? 150 HOH A O     1 
HETATM 462 O  O     . HOH D 3 .  ? -2.428  -5.526  2.745   1.00 49.88 ? 152 HOH A O     1 
HETATM 463 O  O     . HOH D 3 .  ? 2.719   11.445  4.259   0.50 40.38 ? 159 HOH A O     1 
HETATM 464 O  O     . HOH D 3 .  ? 0.014   -6.779  9.532   0.50 44.47 ? 162 HOH A O     1 
HETATM 465 O  O     . HOH D 3 .  ? -12.098 6.293   7.362   0.50 42.05 ? 163 HOH A O     1 
HETATM 466 O  O     . HOH D 3 .  ? -9.600  2.183   3.360   0.50 26.67 ? 173 HOH A O     1 
HETATM 467 O  O     . HOH D 3 .  ? -0.445  8.616   -1.491  1.00 29.05 ? 175 HOH A O     1 
HETATM 468 O  O     . HOH D 3 .  ? 0.584   12.207  4.754   0.50 24.25 ? 176 HOH A O     1 
HETATM 469 O  O     . HOH D 3 .  ? -3.276  8.608   8.865   0.50 30.28 ? 179 HOH A O     1 
HETATM 470 O  O     . HOH D 3 .  ? -9.238  5.346   4.608   0.50 36.63 ? 181 HOH A O     1 
HETATM 471 O  O     . HOH D 3 .  ? 1.374   -9.036  14.785  1.00 30.76 ? 182 HOH A O     1 
HETATM 472 O  O     . HOH D 3 .  ? 1.404   -9.178  10.823  0.50 30.36 ? 183 HOH A O     1 
HETATM 473 O  O     . HOH D 3 .  ? -1.662  -13.706 -2.259  0.50 27.27 ? 186 HOH A O     1 
HETATM 474 O  O     . HOH D 3 .  ? 2.425   -2.857  11.830  0.50 27.48 ? 187 HOH A O     1 
HETATM 475 O  O     . HOH D 3 .  ? -1.241  2.027   8.339   1.00 34.98 ? 188 HOH A O     1 
HETATM 476 O  O     . HOH D 3 .  ? -6.889  7.240   3.888   0.50 28.18 ? 189 HOH A O     1 
HETATM 477 O  O     . HOH D 3 .  ? -16.759 7.603   -0.845  0.50 32.06 ? 190 HOH A O     1 
HETATM 478 O  O     . HOH D 3 .  ? -13.937 3.557   5.237   0.50 35.33 ? 194 HOH A O     1 
HETATM 479 O  O     . HOH D 3 .  ? -12.848 3.798   2.901   1.00 32.52 ? 195 HOH A O     1 
HETATM 480 O  O     A HOH D 3 .  ? 6.608   -6.296  9.565   0.50 31.18 ? 198 HOH A O     1 
HETATM 481 O  O     B HOH D 3 .  ? 8.233   -5.641  10.725  0.50 38.51 ? 198 HOH A O     1 
HETATM 482 O  O     . HOH E 3 .  ? 1.538   -1.589  -3.208  1.00 27.79 ? 102 HOH B O     1 
HETATM 483 O  O     . HOH E 3 .  ? 1.878   -4.770  -3.915  1.00 38.56 ? 103 HOH B O     1 
HETATM 484 O  O     . HOH E 3 .  ? 3.997   -0.949  -3.317  0.50 23.24 ? 106 HOH B O     1 
HETATM 485 O  O     . HOH E 3 .  ? 5.358   1.023   -4.558  1.00 27.32 ? 107 HOH B O     1 
HETATM 486 O  O     . HOH E 3 .  ? -5.125  4.999   -6.770  1.00 22.01 ? 113 HOH B O     1 
HETATM 487 O  O     . HOH E 3 .  ? 4.930   1.925   -7.235  1.00 27.72 ? 114 HOH B O     1 
HETATM 488 O  O     . HOH E 3 .  ? 5.586   9.469   -7.710  1.00 32.69 ? 117 HOH B O     1 
HETATM 489 O  O     . HOH E 3 .  ? 17.695  -7.935  4.759   1.00 49.65 ? 118 HOH B O     1 
HETATM 490 O  O     . HOH E 3 .  ? -3.108  -1.487  0.145   1.00 26.24 ? 120 HOH B O     1 
HETATM 491 O  O     . HOH E 3 .  ? 11.891  -4.512  -3.859  1.00 32.51 ? 121 HOH B O     1 
HETATM 492 O  O     . HOH E 3 .  ? -3.130  -6.155  -3.295  1.00 43.78 ? 122 HOH B O     1 
HETATM 493 O  O     . HOH E 3 .  ? -5.660  -2.592  1.276   1.00 36.74 ? 124 HOH B O     1 
HETATM 494 O  O     . HOH E 3 .  ? -1.990  -2.766  -5.797  1.00 29.32 ? 127 HOH B O     1 
HETATM 495 O  O     . HOH E 3 .  ? -0.764  -1.166  -3.829  1.00 30.84 ? 129 HOH B O     1 
HETATM 496 O  O     . HOH E 3 .  ? 17.727  -3.720  -2.104  0.50 33.37 ? 138 HOH B O     1 
HETATM 497 O  O     . HOH E 3 .  ? 6.613   7.330   1.165   1.00 54.26 ? 141 HOH B O     1 
HETATM 498 O  O     . HOH E 3 .  ? 10.501  -2.253  -3.663  1.00 34.15 ? 151 HOH B O     1 
HETATM 499 O  O     . HOH E 3 .  ? 0.706   -4.783  -6.016  1.00 43.16 ? 153 HOH B O     1 
HETATM 500 O  O     . HOH E 3 .  ? 7.070   9.466   -1.257  1.00 46.83 ? 154 HOH B O     1 
HETATM 501 O  O     . HOH E 3 .  ? 4.544   12.149  -7.787  1.00 32.64 ? 155 HOH B O     1 
HETATM 502 O  O     A HOH E 3 .  ? 14.313  -3.885  -1.510  0.50 22.50 ? 156 HOH B O     1 
HETATM 503 O  O     B HOH E 3 .  ? 13.750  -2.659  -2.486  0.50 28.50 ? 156 HOH B O     1 
HETATM 504 O  O     . HOH E 3 .  ? -5.575  -11.321 -7.345  0.50 38.07 ? 157 HOH B O     1 
HETATM 505 O  O     . HOH E 3 .  ? -4.533  -9.160  -6.245  0.50 27.15 ? 158 HOH B O     1 
HETATM 506 O  O     . HOH E 3 .  ? 3.465   -4.000  -6.432  0.50 33.56 ? 160 HOH B O     1 
HETATM 507 O  O     . HOH E 3 .  ? 5.798   4.339   -11.256 0.50 33.19 ? 161 HOH B O     1 
HETATM 508 O  O     . HOH E 3 .  ? -6.355  -6.829  -9.636  0.50 32.75 ? 164 HOH B O     1 
HETATM 509 O  O     . HOH E 3 .  ? -3.677  -10.532 5.494   0.50 34.53 ? 165 HOH B O     1 
HETATM 510 O  O     . HOH E 3 .  ? 1.607   -6.666  -7.937  0.50 29.40 ? 166 HOH B O     1 
HETATM 511 O  O     . HOH E 3 .  ? 12.109  7.762   -9.271  0.50 36.45 ? 167 HOH B O     1 
HETATM 512 O  O     . HOH E 3 .  ? -7.864  -5.036  -11.140 0.50 37.12 ? 168 HOH B O     1 
HETATM 513 O  O     . HOH E 3 .  ? 20.923  -4.155  2.446   0.50 33.54 ? 169 HOH B O     1 
HETATM 514 O  O     . HOH E 3 .  ? 19.370  -5.749  2.943   0.50 20.37 ? 170 HOH B O     1 
HETATM 515 O  O     . HOH E 3 .  ? 8.216   -4.604  -4.748  0.50 35.99 ? 171 HOH B O     1 
HETATM 516 O  O     . HOH E 3 .  ? -6.557  0.265   2.639   1.00 33.22 ? 172 HOH B O     1 
HETATM 517 O  O     . HOH E 3 .  ? -0.719  7.673   -4.040  1.00 35.32 ? 174 HOH B O     1 
HETATM 518 O  O     . HOH E 3 .  ? 3.708   12.580  -9.928  1.00 39.10 ? 177 HOH B O     1 
HETATM 519 O  O     . HOH E 3 .  ? 10.799  5.123   -8.375  0.50 27.69 ? 178 HOH B O     1 
HETATM 520 O  O     . HOH E 3 .  ? 3.883   8.840   1.678   0.50 22.23 ? 180 HOH B O     1 
HETATM 521 O  O     . HOH E 3 .  ? -4.832  -13.519 4.437   0.50 44.96 ? 184 HOH B O     1 
HETATM 522 O  O     . HOH E 3 .  ? -7.052  -11.455 -3.119  0.50 34.46 ? 185 HOH B O     1 
HETATM 523 O  O     . HOH E 3 .  ? -10.837 -5.948  9.634   0.50 32.64 ? 191 HOH B O     1 
HETATM 524 O  O     . HOH E 3 .  ? -11.530 -8.161  10.317  0.50 38.60 ? 192 HOH B O     1 
HETATM 525 O  O     . HOH E 3 .  ? 8.356   2.345   -5.879  0.50 22.82 ? 193 HOH B O     1 
HETATM 526 O  O     . HOH E 3 .  ? 14.043  8.062   -5.111  0.50 33.20 ? 196 HOH B O     1 
HETATM 527 O  O     . HOH E 3 .  ? 4.689   7.928   -0.282  1.00 35.80 ? 197 HOH B O     1 
# 
loop_
_pdbx_poly_seq_scheme.asym_id 
_pdbx_poly_seq_scheme.entity_id 
_pdbx_poly_seq_scheme.seq_id 
_pdbx_poly_seq_scheme.mon_id 
_pdbx_poly_seq_scheme.ndb_seq_num 
_pdbx_poly_seq_scheme.pdb_seq_num 
_pdbx_poly_seq_scheme.auth_seq_num 
_pdbx_poly_seq_scheme.pdb_mon_id 
_pdbx_poly_seq_scheme.auth_mon_id 
_pdbx_poly_seq_scheme.pdb_strand_id 
_pdbx_poly_seq_scheme.pdb_ins_code 
_pdbx_poly_seq_scheme.hetero 
A 1 1  DG  1  1  1  DG  G   A . n 
A 1 2  DC  2  2  2  DC  C   A . n 
A 1 3  DG  3  3  3  DG  G   A . n 
A 1 4  DT  4  4  4  DT  T   A . n 
A 1 5  DA  5  5  5  DA  A   A . n 
A 1 6  BOE 6  6  6  BOE BOE A . n 
A 1 7  DA  7  7  7  DA  A   A . n 
A 1 8  DC  8  8  8  DC  C   A . n 
A 1 9  DG  9  9  9  DG  G   A . n 
A 1 10 DC  10 10 10 DC  C   A . n 
B 1 1  DG  1  11 11 DG  G   B . n 
B 1 2  DC  2  12 12 DC  C   B . n 
B 1 3  DG  3  13 13 DG  G   B . n 
B 1 4  DT  4  14 14 DT  T   B . n 
B 1 5  DA  5  15 15 DA  A   B . n 
B 1 6  BOE 6  16 16 BOE BOE B . n 
B 1 7  DA  7  17 17 DA  A   B . n 
B 1 8  DC  8  18 18 DC  C   B . n 
B 1 9  DG  9  19 19 DG  G   B . n 
B 1 10 DC  10 20 20 DC  C   B . n 
# 
loop_
_pdbx_nonpoly_scheme.asym_id 
_pdbx_nonpoly_scheme.entity_id 
_pdbx_nonpoly_scheme.mon_id 
_pdbx_nonpoly_scheme.ndb_seq_num 
_pdbx_nonpoly_scheme.pdb_seq_num 
_pdbx_nonpoly_scheme.auth_seq_num 
_pdbx_nonpoly_scheme.pdb_mon_id 
_pdbx_nonpoly_scheme.auth_mon_id 
_pdbx_nonpoly_scheme.pdb_strand_id 
_pdbx_nonpoly_scheme.pdb_ins_code 
C 2 SR  1  100 100 SR  SR  A . 
D 3 HOH 1  101 101 HOH HOH A . 
D 3 HOH 2  104 104 HOH HOH A . 
D 3 HOH 3  105 105 HOH HOH A . 
D 3 HOH 4  108 108 HOH HOH A . 
D 3 HOH 5  109 109 HOH HOH A . 
D 3 HOH 6  110 110 HOH HOH A . 
D 3 HOH 7  111 111 HOH HOH A . 
D 3 HOH 8  112 112 HOH HOH A . 
D 3 HOH 9  115 115 HOH HOH A . 
D 3 HOH 10 116 116 HOH HOH A . 
D 3 HOH 11 119 119 HOH HOH A . 
D 3 HOH 12 123 123 HOH HOH A . 
D 3 HOH 13 125 125 HOH HOH A . 
D 3 HOH 14 126 126 HOH HOH A . 
D 3 HOH 15 128 128 HOH HOH A . 
D 3 HOH 16 130 130 HOH HOH A . 
D 3 HOH 17 131 131 HOH HOH A . 
D 3 HOH 18 132 132 HOH HOH A . 
D 3 HOH 19 133 133 HOH HOH A . 
D 3 HOH 20 134 134 HOH HOH A . 
D 3 HOH 21 135 135 HOH HOH A . 
D 3 HOH 22 136 136 HOH HOH A . 
D 3 HOH 23 137 137 HOH HOH A . 
D 3 HOH 24 139 139 HOH HOH A . 
D 3 HOH 25 140 140 HOH HOH A . 
D 3 HOH 26 142 142 HOH HOH A . 
D 3 HOH 27 143 143 HOH HOH A . 
D 3 HOH 28 144 144 HOH HOH A . 
D 3 HOH 29 145 145 HOH HOH A . 
D 3 HOH 30 146 146 HOH HOH A . 
D 3 HOH 31 147 147 HOH HOH A . 
D 3 HOH 32 148 148 HOH HOH A . 
D 3 HOH 33 149 149 HOH HOH A . 
D 3 HOH 34 150 150 HOH HOH A . 
D 3 HOH 35 152 152 HOH HOH A . 
D 3 HOH 36 159 159 HOH HOH A . 
D 3 HOH 37 162 162 HOH HOH A . 
D 3 HOH 38 163 163 HOH HOH A . 
D 3 HOH 39 173 173 HOH HOH A . 
D 3 HOH 40 175 175 HOH HOH A . 
D 3 HOH 41 176 176 HOH HOH A . 
D 3 HOH 42 179 179 HOH HOH A . 
D 3 HOH 43 181 181 HOH HOH A . 
D 3 HOH 44 182 182 HOH HOH A . 
D 3 HOH 45 183 183 HOH HOH A . 
D 3 HOH 46 186 186 HOH HOH A . 
D 3 HOH 47 187 187 HOH HOH A . 
D 3 HOH 48 188 188 HOH HOH A . 
D 3 HOH 49 189 189 HOH HOH A . 
D 3 HOH 50 190 190 HOH HOH A . 
D 3 HOH 51 194 194 HOH HOH A . 
D 3 HOH 52 195 195 HOH HOH A . 
D 3 HOH 53 198 198 HOH HOH A . 
E 3 HOH 1  102 102 HOH HOH B . 
E 3 HOH 2  103 103 HOH HOH B . 
E 3 HOH 3  106 106 HOH HOH B . 
E 3 HOH 4  107 107 HOH HOH B . 
E 3 HOH 5  113 113 HOH HOH B . 
E 3 HOH 6  114 114 HOH HOH B . 
E 3 HOH 7  117 117 HOH HOH B . 
E 3 HOH 8  118 118 HOH HOH B . 
E 3 HOH 9  120 120 HOH HOH B . 
E 3 HOH 10 121 121 HOH HOH B . 
E 3 HOH 11 122 122 HOH HOH B . 
E 3 HOH 12 124 124 HOH HOH B . 
E 3 HOH 13 127 127 HOH HOH B . 
E 3 HOH 14 129 129 HOH HOH B . 
E 3 HOH 15 138 138 HOH HOH B . 
E 3 HOH 16 141 141 HOH HOH B . 
E 3 HOH 17 151 151 HOH HOH B . 
E 3 HOH 18 153 153 HOH HOH B . 
E 3 HOH 19 154 154 HOH HOH B . 
E 3 HOH 20 155 155 HOH HOH B . 
E 3 HOH 21 156 156 HOH HOH B . 
E 3 HOH 22 157 157 HOH HOH B . 
E 3 HOH 23 158 158 HOH HOH B . 
E 3 HOH 24 160 160 HOH HOH B . 
E 3 HOH 25 161 161 HOH HOH B . 
E 3 HOH 26 164 164 HOH HOH B . 
E 3 HOH 27 165 165 HOH HOH B . 
E 3 HOH 28 166 166 HOH HOH B . 
E 3 HOH 29 167 167 HOH HOH B . 
E 3 HOH 30 168 168 HOH HOH B . 
E 3 HOH 31 169 169 HOH HOH B . 
E 3 HOH 32 170 170 HOH HOH B . 
E 3 HOH 33 171 171 HOH HOH B . 
E 3 HOH 34 172 172 HOH HOH B . 
E 3 HOH 35 174 174 HOH HOH B . 
E 3 HOH 36 177 177 HOH HOH B . 
E 3 HOH 37 178 178 HOH HOH B . 
E 3 HOH 38 180 180 HOH HOH B . 
E 3 HOH 39 184 184 HOH HOH B . 
E 3 HOH 40 185 185 HOH HOH B . 
E 3 HOH 41 191 191 HOH HOH B . 
E 3 HOH 42 192 192 HOH HOH B . 
E 3 HOH 43 193 193 HOH HOH B . 
E 3 HOH 44 196 196 HOH HOH B . 
E 3 HOH 45 197 197 HOH HOH B . 
# 
loop_
_pdbx_struct_mod_residue.id 
_pdbx_struct_mod_residue.label_asym_id 
_pdbx_struct_mod_residue.label_comp_id 
_pdbx_struct_mod_residue.label_seq_id 
_pdbx_struct_mod_residue.auth_asym_id 
_pdbx_struct_mod_residue.auth_comp_id 
_pdbx_struct_mod_residue.auth_seq_id 
_pdbx_struct_mod_residue.PDB_ins_code 
_pdbx_struct_mod_residue.parent_comp_id 
_pdbx_struct_mod_residue.details 
1 A BOE 6 A BOE 6  ? DT ? 
2 B BOE 6 B BOE 16 ? DT ? 
# 
_pdbx_struct_assembly.id                   1 
_pdbx_struct_assembly.details              author_defined_assembly 
_pdbx_struct_assembly.method_details       ? 
_pdbx_struct_assembly.oligomeric_details   dimeric 
_pdbx_struct_assembly.oligomeric_count     2 
# 
_pdbx_struct_assembly_gen.assembly_id       1 
_pdbx_struct_assembly_gen.oper_expression   1 
_pdbx_struct_assembly_gen.asym_id_list      A,B,C,D,E 
# 
_pdbx_struct_oper_list.id                   1 
_pdbx_struct_oper_list.type                 'identity operation' 
_pdbx_struct_oper_list.name                 1_555 
_pdbx_struct_oper_list.symmetry_operation   x,y,z 
_pdbx_struct_oper_list.matrix[1][1]         1.0000000000 
_pdbx_struct_oper_list.matrix[1][2]         0.0000000000 
_pdbx_struct_oper_list.matrix[1][3]         0.0000000000 
_pdbx_struct_oper_list.vector[1]            0.0000000000 
_pdbx_struct_oper_list.matrix[2][1]         0.0000000000 
_pdbx_struct_oper_list.matrix[2][2]         1.0000000000 
_pdbx_struct_oper_list.matrix[2][3]         0.0000000000 
_pdbx_struct_oper_list.vector[2]            0.0000000000 
_pdbx_struct_oper_list.matrix[3][1]         0.0000000000 
_pdbx_struct_oper_list.matrix[3][2]         0.0000000000 
_pdbx_struct_oper_list.matrix[3][3]         1.0000000000 
_pdbx_struct_oper_list.vector[3]            0.0000000000 
# 
loop_
_pdbx_struct_conn_angle.id 
_pdbx_struct_conn_angle.ptnr1_label_atom_id 
_pdbx_struct_conn_angle.ptnr1_label_alt_id 
_pdbx_struct_conn_angle.ptnr1_label_asym_id 
_pdbx_struct_conn_angle.ptnr1_label_comp_id 
_pdbx_struct_conn_angle.ptnr1_label_seq_id 
_pdbx_struct_conn_angle.ptnr1_auth_atom_id 
_pdbx_struct_conn_angle.ptnr1_auth_asym_id 
_pdbx_struct_conn_angle.ptnr1_auth_comp_id 
_pdbx_struct_conn_angle.ptnr1_auth_seq_id 
_pdbx_struct_conn_angle.ptnr1_PDB_ins_code 
_pdbx_struct_conn_angle.ptnr1_symmetry 
_pdbx_struct_conn_angle.ptnr2_label_atom_id 
_pdbx_struct_conn_angle.ptnr2_label_alt_id 
_pdbx_struct_conn_angle.ptnr2_label_asym_id 
_pdbx_struct_conn_angle.ptnr2_label_comp_id 
_pdbx_struct_conn_angle.ptnr2_label_seq_id 
_pdbx_struct_conn_angle.ptnr2_auth_atom_id 
_pdbx_struct_conn_angle.ptnr2_auth_asym_id 
_pdbx_struct_conn_angle.ptnr2_auth_comp_id 
_pdbx_struct_conn_angle.ptnr2_auth_seq_id 
_pdbx_struct_conn_angle.ptnr2_PDB_ins_code 
_pdbx_struct_conn_angle.ptnr2_symmetry 
_pdbx_struct_conn_angle.ptnr3_label_atom_id 
_pdbx_struct_conn_angle.ptnr3_label_alt_id 
_pdbx_struct_conn_angle.ptnr3_label_asym_id 
_pdbx_struct_conn_angle.ptnr3_label_comp_id 
_pdbx_struct_conn_angle.ptnr3_label_seq_id 
_pdbx_struct_conn_angle.ptnr3_auth_atom_id 
_pdbx_struct_conn_angle.ptnr3_auth_asym_id 
_pdbx_struct_conn_angle.ptnr3_auth_comp_id 
_pdbx_struct_conn_angle.ptnr3_auth_seq_id 
_pdbx_struct_conn_angle.ptnr3_PDB_ins_code 
_pdbx_struct_conn_angle.ptnr3_symmetry 
_pdbx_struct_conn_angle.value 
_pdbx_struct_conn_angle.value_esd 
1  O6 ? A DG  3 ? A DG  3   ? 1_555 SR ? C SR . ? A SR 100 ? 1_555 O ? D HOH . ? A HOH 101 ? 1_555 73.0  ? 
2  O6 ? A DG  3 ? A DG  3   ? 1_555 SR ? C SR . ? A SR 100 ? 1_555 O ? D HOH . ? A HOH 104 ? 1_555 97.5  ? 
3  O  ? D HOH . ? A HOH 101 ? 1_555 SR ? C SR . ? A SR 100 ? 1_555 O ? D HOH . ? A HOH 104 ? 1_555 120.1 ? 
4  O6 ? A DG  3 ? A DG  3   ? 1_555 SR ? C SR . ? A SR 100 ? 1_555 O ? D HOH . ? A HOH 105 ? 1_555 75.3  ? 
5  O  ? D HOH . ? A HOH 101 ? 1_555 SR ? C SR . ? A SR 100 ? 1_555 O ? D HOH . ? A HOH 105 ? 1_555 146.7 ? 
6  O  ? D HOH . ? A HOH 104 ? 1_555 SR ? C SR . ? A SR 100 ? 1_555 O ? D HOH . ? A HOH 105 ? 1_555 73.7  ? 
7  O6 ? A DG  3 ? A DG  3   ? 1_555 SR ? C SR . ? A SR 100 ? 1_555 O ? E HOH . ? B HOH 102 ? 1_555 131.7 ? 
8  O  ? D HOH . ? A HOH 101 ? 1_555 SR ? C SR . ? A SR 100 ? 1_555 O ? E HOH . ? B HOH 102 ? 1_555 112.9 ? 
9  O  ? D HOH . ? A HOH 104 ? 1_555 SR ? C SR . ? A SR 100 ? 1_555 O ? E HOH . ? B HOH 102 ? 1_555 115.9 ? 
10 O  ? D HOH . ? A HOH 105 ? 1_555 SR ? C SR . ? A SR 100 ? 1_555 O ? E HOH . ? B HOH 102 ? 1_555 81.6  ? 
11 O6 ? A DG  3 ? A DG  3   ? 1_555 SR ? C SR . ? A SR 100 ? 1_555 O ? E HOH . ? B HOH 103 ? 1_555 152.7 ? 
12 O  ? D HOH . ? A HOH 101 ? 1_555 SR ? C SR . ? A SR 100 ? 1_555 O ? E HOH . ? B HOH 103 ? 1_555 88.2  ? 
13 O  ? D HOH . ? A HOH 104 ? 1_555 SR ? C SR . ? A SR 100 ? 1_555 O ? E HOH . ? B HOH 103 ? 1_555 74.7  ? 
14 O  ? D HOH . ? A HOH 105 ? 1_555 SR ? C SR . ? A SR 100 ? 1_555 O ? E HOH . ? B HOH 103 ? 1_555 125.1 ? 
15 O  ? E HOH . ? B HOH 102 ? 1_555 SR ? C SR . ? A SR 100 ? 1_555 O ? E HOH . ? B HOH 103 ? 1_555 73.5  ? 
16 O6 ? A DG  3 ? A DG  3   ? 1_555 SR ? C SR . ? A SR 100 ? 1_555 O ? E HOH . ? B HOH 106 ? 1_555 84.4  ? 
17 O  ? D HOH . ? A HOH 101 ? 1_555 SR ? C SR . ? A SR 100 ? 1_555 O ? E HOH . ? B HOH 106 ? 1_555 68.1  ? 
18 O  ? D HOH . ? A HOH 104 ? 1_555 SR ? C SR . ? A SR 100 ? 1_555 O ? E HOH . ? B HOH 106 ? 1_555 171.8 ? 
19 O  ? D HOH . ? A HOH 105 ? 1_555 SR ? C SR . ? A SR 100 ? 1_555 O ? E HOH . ? B HOH 106 ? 1_555 99.2  ? 
20 O  ? E HOH . ? B HOH 102 ? 1_555 SR ? C SR . ? A SR 100 ? 1_555 O ? E HOH . ? B HOH 106 ? 1_555 58.1  ? 
21 O  ? E HOH . ? B HOH 103 ? 1_555 SR ? C SR . ? A SR 100 ? 1_555 O ? E HOH . ? B HOH 106 ? 1_555 107.1 ? 
# 
loop_
_pdbx_audit_revision_history.ordinal 
_pdbx_audit_revision_history.data_content_type 
_pdbx_audit_revision_history.major_revision 
_pdbx_audit_revision_history.minor_revision 
_pdbx_audit_revision_history.revision_date 
1 'Structure model' 1 0 2005-06-28 
2 'Structure model' 1 1 2008-04-30 
3 'Structure model' 1 2 2011-07-13 
4 'Structure model' 1 3 2023-08-23 
# 
_pdbx_audit_revision_details.ordinal             1 
_pdbx_audit_revision_details.revision_ordinal    1 
_pdbx_audit_revision_details.data_content_type   'Structure model' 
_pdbx_audit_revision_details.provider            repository 
_pdbx_audit_revision_details.type                'Initial release' 
_pdbx_audit_revision_details.description         ? 
_pdbx_audit_revision_details.details             ? 
# 
loop_
_pdbx_audit_revision_group.ordinal 
_pdbx_audit_revision_group.revision_ordinal 
_pdbx_audit_revision_group.data_content_type 
_pdbx_audit_revision_group.group 
1 2 'Structure model' 'Version format compliance' 
2 3 'Structure model' 'Version format compliance' 
3 4 'Structure model' 'Data collection'           
4 4 'Structure model' 'Database references'       
5 4 'Structure model' 'Derived calculations'      
6 4 'Structure model' 'Refinement description'    
# 
loop_
_pdbx_audit_revision_category.ordinal 
_pdbx_audit_revision_category.revision_ordinal 
_pdbx_audit_revision_category.data_content_type 
_pdbx_audit_revision_category.category 
1 4 'Structure model' chem_comp_atom                
2 4 'Structure model' chem_comp_bond                
3 4 'Structure model' database_2                    
4 4 'Structure model' pdbx_initial_refinement_model 
5 4 'Structure model' pdbx_struct_conn_angle        
6 4 'Structure model' struct_conn                   
7 4 'Structure model' struct_site                   
# 
loop_
_pdbx_audit_revision_item.ordinal 
_pdbx_audit_revision_item.revision_ordinal 
_pdbx_audit_revision_item.data_content_type 
_pdbx_audit_revision_item.item 
1  4 'Structure model' '_database_2.pdbx_DOI'                        
2  4 'Structure model' '_database_2.pdbx_database_accession'         
3  4 'Structure model' '_pdbx_struct_conn_angle.ptnr1_auth_asym_id'  
4  4 'Structure model' '_pdbx_struct_conn_angle.ptnr1_auth_comp_id'  
5  4 'Structure model' '_pdbx_struct_conn_angle.ptnr1_auth_seq_id'   
6  4 'Structure model' '_pdbx_struct_conn_angle.ptnr1_label_asym_id' 
7  4 'Structure model' '_pdbx_struct_conn_angle.ptnr1_label_atom_id' 
8  4 'Structure model' '_pdbx_struct_conn_angle.ptnr1_label_comp_id' 
9  4 'Structure model' '_pdbx_struct_conn_angle.ptnr1_label_seq_id'  
10 4 'Structure model' '_pdbx_struct_conn_angle.ptnr3_auth_asym_id'  
11 4 'Structure model' '_pdbx_struct_conn_angle.ptnr3_auth_comp_id'  
12 4 'Structure model' '_pdbx_struct_conn_angle.ptnr3_auth_seq_id'   
13 4 'Structure model' '_pdbx_struct_conn_angle.ptnr3_label_asym_id' 
14 4 'Structure model' '_pdbx_struct_conn_angle.ptnr3_label_atom_id' 
15 4 'Structure model' '_pdbx_struct_conn_angle.ptnr3_label_comp_id' 
16 4 'Structure model' '_pdbx_struct_conn_angle.ptnr3_label_seq_id'  
17 4 'Structure model' '_pdbx_struct_conn_angle.value'               
18 4 'Structure model' '_struct_conn.conn_type_id'                   
19 4 'Structure model' '_struct_conn.id'                             
20 4 'Structure model' '_struct_conn.pdbx_dist_value'                
21 4 'Structure model' '_struct_conn.pdbx_leaving_atom_flag'         
22 4 'Structure model' '_struct_conn.ptnr1_auth_asym_id'             
23 4 'Structure model' '_struct_conn.ptnr1_auth_comp_id'             
24 4 'Structure model' '_struct_conn.ptnr1_auth_seq_id'              
25 4 'Structure model' '_struct_conn.ptnr1_label_asym_id'            
26 4 'Structure model' '_struct_conn.ptnr1_label_atom_id'            
27 4 'Structure model' '_struct_conn.ptnr1_label_comp_id'            
28 4 'Structure model' '_struct_conn.ptnr1_label_seq_id'             
29 4 'Structure model' '_struct_conn.ptnr2_auth_asym_id'             
30 4 'Structure model' '_struct_conn.ptnr2_auth_comp_id'             
31 4 'Structure model' '_struct_conn.ptnr2_auth_seq_id'              
32 4 'Structure model' '_struct_conn.ptnr2_label_asym_id'            
33 4 'Structure model' '_struct_conn.ptnr2_label_atom_id'            
34 4 'Structure model' '_struct_conn.ptnr2_label_comp_id'            
35 4 'Structure model' '_struct_conn.ptnr2_label_seq_id'             
36 4 'Structure model' '_struct_site.pdbx_auth_asym_id'              
37 4 'Structure model' '_struct_site.pdbx_auth_comp_id'              
38 4 'Structure model' '_struct_site.pdbx_auth_seq_id'               
# 
loop_
_software.name 
_software.classification 
_software.version 
_software.citation_id 
_software.pdbx_ordinal 
DENZO     'data reduction' . ? 1 
SCALEPACK 'data scaling'   . ? 2 
AMoRE     phasing          . ? 3 
CNS       refinement       . ? 4 
# 
_pdbx_validate_planes.id              1 
_pdbx_validate_planes.PDB_model_num   1 
_pdbx_validate_planes.auth_comp_id    DG 
_pdbx_validate_planes.auth_asym_id    B 
_pdbx_validate_planes.auth_seq_id     19 
_pdbx_validate_planes.PDB_ins_code    ? 
_pdbx_validate_planes.label_alt_id    ? 
_pdbx_validate_planes.rmsd            0.056 
_pdbx_validate_planes.type            'SIDE CHAIN' 
# 
loop_
_chem_comp_atom.comp_id 
_chem_comp_atom.atom_id 
_chem_comp_atom.type_symbol 
_chem_comp_atom.pdbx_aromatic_flag 
_chem_comp_atom.pdbx_stereo_config 
_chem_comp_atom.pdbx_ordinal 
BOE P      P  N N 1   
BOE OP1    O  N N 2   
BOE OP2    O  N N 3   
BOE "O5'"  O  N N 4   
BOE "C5'"  C  N N 5   
BOE "C4'"  C  N R 6   
BOE "O4'"  O  N N 7   
BOE "C1'"  C  N R 8   
BOE N1     N  N N 9   
BOE C6     C  N N 10  
BOE C2     C  N N 11  
BOE O2     O  N N 12  
BOE N3     N  N N 13  
BOE C4     C  N N 14  
BOE O4     O  N N 15  
BOE C5     C  N N 16  
BOE C5M    C  N N 17  
BOE "C2'"  C  N R 18  
BOE "O2'"  O  N N 19  
BOE "CB'"  C  N N 20  
BOE "CC'"  C  N N 21  
BOE "OD'"  O  N N 22  
BOE "CE'"  C  N N 23  
BOE "CF'"  C  Y N 24  
BOE "CG'"  C  Y N 25  
BOE "CH'"  C  Y N 26  
BOE "CI'"  C  Y N 27  
BOE "CJ'"  C  Y N 28  
BOE "CK'"  C  Y N 29  
BOE "C3'"  C  N R 30  
BOE "O3'"  O  N N 31  
BOE OP3    O  N N 32  
BOE HOP2   H  N N 33  
BOE "H5'"  H  N N 34  
BOE "H5''" H  N N 35  
BOE "H4'"  H  N N 36  
BOE "H1'"  H  N N 37  
BOE H6     H  N N 38  
BOE HN3    H  N N 39  
BOE H71    H  N N 40  
BOE H72    H  N N 41  
BOE H73    H  N N 42  
BOE "H2'"  H  N N 43  
BOE "HB'1" H  N N 44  
BOE "HB'2" H  N N 45  
BOE "HC'1" H  N N 46  
BOE "HC'2" H  N N 47  
BOE "HE'1" H  N N 48  
BOE "HE'2" H  N N 49  
BOE "HG'"  H  N N 50  
BOE "HH'"  H  N N 51  
BOE "HI'"  H  N N 52  
BOE "HJ'"  H  N N 53  
BOE "HK'"  H  N N 54  
BOE "H3'"  H  N N 55  
BOE "HO3'" H  N N 56  
BOE HOP3   H  N N 57  
DA  OP3    O  N N 58  
DA  P      P  N N 59  
DA  OP1    O  N N 60  
DA  OP2    O  N N 61  
DA  "O5'"  O  N N 62  
DA  "C5'"  C  N N 63  
DA  "C4'"  C  N R 64  
DA  "O4'"  O  N N 65  
DA  "C3'"  C  N S 66  
DA  "O3'"  O  N N 67  
DA  "C2'"  C  N N 68  
DA  "C1'"  C  N R 69  
DA  N9     N  Y N 70  
DA  C8     C  Y N 71  
DA  N7     N  Y N 72  
DA  C5     C  Y N 73  
DA  C6     C  Y N 74  
DA  N6     N  N N 75  
DA  N1     N  Y N 76  
DA  C2     C  Y N 77  
DA  N3     N  Y N 78  
DA  C4     C  Y N 79  
DA  HOP3   H  N N 80  
DA  HOP2   H  N N 81  
DA  "H5'"  H  N N 82  
DA  "H5''" H  N N 83  
DA  "H4'"  H  N N 84  
DA  "H3'"  H  N N 85  
DA  "HO3'" H  N N 86  
DA  "H2'"  H  N N 87  
DA  "H2''" H  N N 88  
DA  "H1'"  H  N N 89  
DA  H8     H  N N 90  
DA  H61    H  N N 91  
DA  H62    H  N N 92  
DA  H2     H  N N 93  
DC  OP3    O  N N 94  
DC  P      P  N N 95  
DC  OP1    O  N N 96  
DC  OP2    O  N N 97  
DC  "O5'"  O  N N 98  
DC  "C5'"  C  N N 99  
DC  "C4'"  C  N R 100 
DC  "O4'"  O  N N 101 
DC  "C3'"  C  N S 102 
DC  "O3'"  O  N N 103 
DC  "C2'"  C  N N 104 
DC  "C1'"  C  N R 105 
DC  N1     N  N N 106 
DC  C2     C  N N 107 
DC  O2     O  N N 108 
DC  N3     N  N N 109 
DC  C4     C  N N 110 
DC  N4     N  N N 111 
DC  C5     C  N N 112 
DC  C6     C  N N 113 
DC  HOP3   H  N N 114 
DC  HOP2   H  N N 115 
DC  "H5'"  H  N N 116 
DC  "H5''" H  N N 117 
DC  "H4'"  H  N N 118 
DC  "H3'"  H  N N 119 
DC  "HO3'" H  N N 120 
DC  "H2'"  H  N N 121 
DC  "H2''" H  N N 122 
DC  "H1'"  H  N N 123 
DC  H41    H  N N 124 
DC  H42    H  N N 125 
DC  H5     H  N N 126 
DC  H6     H  N N 127 
DG  OP3    O  N N 128 
DG  P      P  N N 129 
DG  OP1    O  N N 130 
DG  OP2    O  N N 131 
DG  "O5'"  O  N N 132 
DG  "C5'"  C  N N 133 
DG  "C4'"  C  N R 134 
DG  "O4'"  O  N N 135 
DG  "C3'"  C  N S 136 
DG  "O3'"  O  N N 137 
DG  "C2'"  C  N N 138 
DG  "C1'"  C  N R 139 
DG  N9     N  Y N 140 
DG  C8     C  Y N 141 
DG  N7     N  Y N 142 
DG  C5     C  Y N 143 
DG  C6     C  N N 144 
DG  O6     O  N N 145 
DG  N1     N  N N 146 
DG  C2     C  N N 147 
DG  N2     N  N N 148 
DG  N3     N  N N 149 
DG  C4     C  Y N 150 
DG  HOP3   H  N N 151 
DG  HOP2   H  N N 152 
DG  "H5'"  H  N N 153 
DG  "H5''" H  N N 154 
DG  "H4'"  H  N N 155 
DG  "H3'"  H  N N 156 
DG  "HO3'" H  N N 157 
DG  "H2'"  H  N N 158 
DG  "H2''" H  N N 159 
DG  "H1'"  H  N N 160 
DG  H8     H  N N 161 
DG  H1     H  N N 162 
DG  H21    H  N N 163 
DG  H22    H  N N 164 
DT  OP3    O  N N 165 
DT  P      P  N N 166 
DT  OP1    O  N N 167 
DT  OP2    O  N N 168 
DT  "O5'"  O  N N 169 
DT  "C5'"  C  N N 170 
DT  "C4'"  C  N R 171 
DT  "O4'"  O  N N 172 
DT  "C3'"  C  N S 173 
DT  "O3'"  O  N N 174 
DT  "C2'"  C  N N 175 
DT  "C1'"  C  N R 176 
DT  N1     N  N N 177 
DT  C2     C  N N 178 
DT  O2     O  N N 179 
DT  N3     N  N N 180 
DT  C4     C  N N 181 
DT  O4     O  N N 182 
DT  C5     C  N N 183 
DT  C7     C  N N 184 
DT  C6     C  N N 185 
DT  HOP3   H  N N 186 
DT  HOP2   H  N N 187 
DT  "H5'"  H  N N 188 
DT  "H5''" H  N N 189 
DT  "H4'"  H  N N 190 
DT  "H3'"  H  N N 191 
DT  "HO3'" H  N N 192 
DT  "H2'"  H  N N 193 
DT  "H2''" H  N N 194 
DT  "H1'"  H  N N 195 
DT  H3     H  N N 196 
DT  H71    H  N N 197 
DT  H72    H  N N 198 
DT  H73    H  N N 199 
DT  H6     H  N N 200 
HOH O      O  N N 201 
HOH H1     H  N N 202 
HOH H2     H  N N 203 
SR  SR     SR N N 204 
# 
loop_
_chem_comp_bond.comp_id 
_chem_comp_bond.atom_id_1 
_chem_comp_bond.atom_id_2 
_chem_comp_bond.value_order 
_chem_comp_bond.pdbx_aromatic_flag 
_chem_comp_bond.pdbx_stereo_config 
_chem_comp_bond.pdbx_ordinal 
BOE P     OP1    doub N N 1   
BOE P     OP2    sing N N 2   
BOE P     "O5'"  sing N N 3   
BOE P     OP3    sing N N 4   
BOE OP2   HOP2   sing N N 5   
BOE "O5'" "C5'"  sing N N 6   
BOE "C5'" "C4'"  sing N N 7   
BOE "C5'" "H5'"  sing N N 8   
BOE "C5'" "H5''" sing N N 9   
BOE "C4'" "O4'"  sing N N 10  
BOE "C4'" "C3'"  sing N N 11  
BOE "C4'" "H4'"  sing N N 12  
BOE "O4'" "C1'"  sing N N 13  
BOE "C1'" N1     sing N N 14  
BOE "C1'" "C2'"  sing N N 15  
BOE "C1'" "H1'"  sing N N 16  
BOE N1    C6     sing N N 17  
BOE N1    C2     sing N N 18  
BOE C6    C5     doub N N 19  
BOE C6    H6     sing N N 20  
BOE C2    O2     doub N N 21  
BOE C2    N3     sing N N 22  
BOE N3    C4     sing N N 23  
BOE N3    HN3    sing N N 24  
BOE C4    O4     doub N N 25  
BOE C4    C5     sing N N 26  
BOE C5    C5M    sing N N 27  
BOE C5M   H71    sing N N 28  
BOE C5M   H72    sing N N 29  
BOE C5M   H73    sing N N 30  
BOE "C2'" "O2'"  sing N N 31  
BOE "C2'" "C3'"  sing N N 32  
BOE "C2'" "H2'"  sing N N 33  
BOE "O2'" "CB'"  sing N N 34  
BOE "CB'" "CC'"  sing N N 35  
BOE "CB'" "HB'1" sing N N 36  
BOE "CB'" "HB'2" sing N N 37  
BOE "CC'" "OD'"  sing N N 38  
BOE "CC'" "HC'1" sing N N 39  
BOE "CC'" "HC'2" sing N N 40  
BOE "OD'" "CE'"  sing N N 41  
BOE "CE'" "CF'"  sing N N 42  
BOE "CE'" "HE'1" sing N N 43  
BOE "CE'" "HE'2" sing N N 44  
BOE "CF'" "CG'"  doub Y N 45  
BOE "CF'" "CK'"  sing Y N 46  
BOE "CG'" "CH'"  sing Y N 47  
BOE "CG'" "HG'"  sing N N 48  
BOE "CH'" "CI'"  doub Y N 49  
BOE "CH'" "HH'"  sing N N 50  
BOE "CI'" "CJ'"  sing Y N 51  
BOE "CI'" "HI'"  sing N N 52  
BOE "CJ'" "CK'"  doub Y N 53  
BOE "CJ'" "HJ'"  sing N N 54  
BOE "CK'" "HK'"  sing N N 55  
BOE "C3'" "O3'"  sing N N 56  
BOE "C3'" "H3'"  sing N N 57  
BOE "O3'" "HO3'" sing N N 58  
BOE OP3   HOP3   sing N N 59  
DA  OP3   P      sing N N 60  
DA  OP3   HOP3   sing N N 61  
DA  P     OP1    doub N N 62  
DA  P     OP2    sing N N 63  
DA  P     "O5'"  sing N N 64  
DA  OP2   HOP2   sing N N 65  
DA  "O5'" "C5'"  sing N N 66  
DA  "C5'" "C4'"  sing N N 67  
DA  "C5'" "H5'"  sing N N 68  
DA  "C5'" "H5''" sing N N 69  
DA  "C4'" "O4'"  sing N N 70  
DA  "C4'" "C3'"  sing N N 71  
DA  "C4'" "H4'"  sing N N 72  
DA  "O4'" "C1'"  sing N N 73  
DA  "C3'" "O3'"  sing N N 74  
DA  "C3'" "C2'"  sing N N 75  
DA  "C3'" "H3'"  sing N N 76  
DA  "O3'" "HO3'" sing N N 77  
DA  "C2'" "C1'"  sing N N 78  
DA  "C2'" "H2'"  sing N N 79  
DA  "C2'" "H2''" sing N N 80  
DA  "C1'" N9     sing N N 81  
DA  "C1'" "H1'"  sing N N 82  
DA  N9    C8     sing Y N 83  
DA  N9    C4     sing Y N 84  
DA  C8    N7     doub Y N 85  
DA  C8    H8     sing N N 86  
DA  N7    C5     sing Y N 87  
DA  C5    C6     sing Y N 88  
DA  C5    C4     doub Y N 89  
DA  C6    N6     sing N N 90  
DA  C6    N1     doub Y N 91  
DA  N6    H61    sing N N 92  
DA  N6    H62    sing N N 93  
DA  N1    C2     sing Y N 94  
DA  C2    N3     doub Y N 95  
DA  C2    H2     sing N N 96  
DA  N3    C4     sing Y N 97  
DC  OP3   P      sing N N 98  
DC  OP3   HOP3   sing N N 99  
DC  P     OP1    doub N N 100 
DC  P     OP2    sing N N 101 
DC  P     "O5'"  sing N N 102 
DC  OP2   HOP2   sing N N 103 
DC  "O5'" "C5'"  sing N N 104 
DC  "C5'" "C4'"  sing N N 105 
DC  "C5'" "H5'"  sing N N 106 
DC  "C5'" "H5''" sing N N 107 
DC  "C4'" "O4'"  sing N N 108 
DC  "C4'" "C3'"  sing N N 109 
DC  "C4'" "H4'"  sing N N 110 
DC  "O4'" "C1'"  sing N N 111 
DC  "C3'" "O3'"  sing N N 112 
DC  "C3'" "C2'"  sing N N 113 
DC  "C3'" "H3'"  sing N N 114 
DC  "O3'" "HO3'" sing N N 115 
DC  "C2'" "C1'"  sing N N 116 
DC  "C2'" "H2'"  sing N N 117 
DC  "C2'" "H2''" sing N N 118 
DC  "C1'" N1     sing N N 119 
DC  "C1'" "H1'"  sing N N 120 
DC  N1    C2     sing N N 121 
DC  N1    C6     sing N N 122 
DC  C2    O2     doub N N 123 
DC  C2    N3     sing N N 124 
DC  N3    C4     doub N N 125 
DC  C4    N4     sing N N 126 
DC  C4    C5     sing N N 127 
DC  N4    H41    sing N N 128 
DC  N4    H42    sing N N 129 
DC  C5    C6     doub N N 130 
DC  C5    H5     sing N N 131 
DC  C6    H6     sing N N 132 
DG  OP3   P      sing N N 133 
DG  OP3   HOP3   sing N N 134 
DG  P     OP1    doub N N 135 
DG  P     OP2    sing N N 136 
DG  P     "O5'"  sing N N 137 
DG  OP2   HOP2   sing N N 138 
DG  "O5'" "C5'"  sing N N 139 
DG  "C5'" "C4'"  sing N N 140 
DG  "C5'" "H5'"  sing N N 141 
DG  "C5'" "H5''" sing N N 142 
DG  "C4'" "O4'"  sing N N 143 
DG  "C4'" "C3'"  sing N N 144 
DG  "C4'" "H4'"  sing N N 145 
DG  "O4'" "C1'"  sing N N 146 
DG  "C3'" "O3'"  sing N N 147 
DG  "C3'" "C2'"  sing N N 148 
DG  "C3'" "H3'"  sing N N 149 
DG  "O3'" "HO3'" sing N N 150 
DG  "C2'" "C1'"  sing N N 151 
DG  "C2'" "H2'"  sing N N 152 
DG  "C2'" "H2''" sing N N 153 
DG  "C1'" N9     sing N N 154 
DG  "C1'" "H1'"  sing N N 155 
DG  N9    C8     sing Y N 156 
DG  N9    C4     sing Y N 157 
DG  C8    N7     doub Y N 158 
DG  C8    H8     sing N N 159 
DG  N7    C5     sing Y N 160 
DG  C5    C6     sing N N 161 
DG  C5    C4     doub Y N 162 
DG  C6    O6     doub N N 163 
DG  C6    N1     sing N N 164 
DG  N1    C2     sing N N 165 
DG  N1    H1     sing N N 166 
DG  C2    N2     sing N N 167 
DG  C2    N3     doub N N 168 
DG  N2    H21    sing N N 169 
DG  N2    H22    sing N N 170 
DG  N3    C4     sing N N 171 
DT  OP3   P      sing N N 172 
DT  OP3   HOP3   sing N N 173 
DT  P     OP1    doub N N 174 
DT  P     OP2    sing N N 175 
DT  P     "O5'"  sing N N 176 
DT  OP2   HOP2   sing N N 177 
DT  "O5'" "C5'"  sing N N 178 
DT  "C5'" "C4'"  sing N N 179 
DT  "C5'" "H5'"  sing N N 180 
DT  "C5'" "H5''" sing N N 181 
DT  "C4'" "O4'"  sing N N 182 
DT  "C4'" "C3'"  sing N N 183 
DT  "C4'" "H4'"  sing N N 184 
DT  "O4'" "C1'"  sing N N 185 
DT  "C3'" "O3'"  sing N N 186 
DT  "C3'" "C2'"  sing N N 187 
DT  "C3'" "H3'"  sing N N 188 
DT  "O3'" "HO3'" sing N N 189 
DT  "C2'" "C1'"  sing N N 190 
DT  "C2'" "H2'"  sing N N 191 
DT  "C2'" "H2''" sing N N 192 
DT  "C1'" N1     sing N N 193 
DT  "C1'" "H1'"  sing N N 194 
DT  N1    C2     sing N N 195 
DT  N1    C6     sing N N 196 
DT  C2    O2     doub N N 197 
DT  C2    N3     sing N N 198 
DT  N3    C4     sing N N 199 
DT  N3    H3     sing N N 200 
DT  C4    O4     doub N N 201 
DT  C4    C5     sing N N 202 
DT  C5    C7     sing N N 203 
DT  C5    C6     doub N N 204 
DT  C7    H71    sing N N 205 
DT  C7    H72    sing N N 206 
DT  C7    H73    sing N N 207 
DT  C6    H6     sing N N 208 
HOH O     H1     sing N N 209 
HOH O     H2     sing N N 210 
# 
_ndb_struct_conf_na.entry_id   1YBC 
_ndb_struct_conf_na.feature    'a-form double helix' 
# 
loop_
_ndb_struct_na_base_pair.model_number 
_ndb_struct_na_base_pair.i_label_asym_id 
_ndb_struct_na_base_pair.i_label_comp_id 
_ndb_struct_na_base_pair.i_label_seq_id 
_ndb_struct_na_base_pair.i_symmetry 
_ndb_struct_na_base_pair.j_label_asym_id 
_ndb_struct_na_base_pair.j_label_comp_id 
_ndb_struct_na_base_pair.j_label_seq_id 
_ndb_struct_na_base_pair.j_symmetry 
_ndb_struct_na_base_pair.shear 
_ndb_struct_na_base_pair.stretch 
_ndb_struct_na_base_pair.stagger 
_ndb_struct_na_base_pair.buckle 
_ndb_struct_na_base_pair.propeller 
_ndb_struct_na_base_pair.opening 
_ndb_struct_na_base_pair.pair_number 
_ndb_struct_na_base_pair.pair_name 
_ndb_struct_na_base_pair.i_auth_asym_id 
_ndb_struct_na_base_pair.i_auth_seq_id 
_ndb_struct_na_base_pair.i_PDB_ins_code 
_ndb_struct_na_base_pair.j_auth_asym_id 
_ndb_struct_na_base_pair.j_auth_seq_id 
_ndb_struct_na_base_pair.j_PDB_ins_code 
_ndb_struct_na_base_pair.hbond_type_28 
_ndb_struct_na_base_pair.hbond_type_12 
1 A DG  1  1_555 B DC  10 1_555 -0.255 -0.186 0.195  0.697  -10.197 -1.596 1  A_DG1:DC20_B  A 1  ? B 20 ? 19 1 
1 A DC  2  1_555 B DG  9  1_555 0.017  -0.056 0.047  2.156  -13.445 1.215  2  A_DC2:DG19_B  A 2  ? B 19 ? 19 1 
1 A DG  3  1_555 B DC  8  1_555 -0.403 -0.136 -0.033 -8.658 -15.424 2.862  3  A_DG3:DC18_B  A 3  ? B 18 ? 19 1 
1 A DT  4  1_555 B DA  7  1_555 -0.107 -0.139 -0.135 -4.235 -14.753 3.324  4  A_DT4:DA17_B  A 4  ? B 17 ? 20 1 
1 A DA  5  1_555 B BOE 6  1_555 0.114  -0.081 0.062  -3.850 -11.950 -3.130 5  A_DA5:BOE16_B A 5  ? B 16 ? 20 1 
1 A BOE 6  1_555 B DA  5  1_555 -0.163 -0.162 0.198  4.827  -11.321 0.956  6  A_BOE6:DA15_B A 6  ? B 15 ? 20 1 
1 A DA  7  1_555 B DT  4  1_555 -0.071 -0.184 0.050  4.280  -13.762 2.434  7  A_DA7:DT14_B  A 7  ? B 14 ? 20 1 
1 A DC  8  1_555 B DG  3  1_555 0.237  -0.235 -0.191 8.875  -13.631 2.565  8  A_DC8:DG13_B  A 8  ? B 13 ? 19 1 
1 A DG  9  1_555 B DC  2  1_555 -0.150 -0.130 -0.063 -5.967 -10.374 3.428  9  A_DG9:DC12_B  A 9  ? B 12 ? 19 1 
1 A DC  10 1_555 B DG  1  1_555 0.085  -0.169 0.094  -4.222 6.353   -0.174 10 A_DC10:DG11_B A 10 ? B 11 ? 19 1 
# 
loop_
_ndb_struct_na_base_pair_step.model_number 
_ndb_struct_na_base_pair_step.i_label_asym_id_1 
_ndb_struct_na_base_pair_step.i_label_comp_id_1 
_ndb_struct_na_base_pair_step.i_label_seq_id_1 
_ndb_struct_na_base_pair_step.i_symmetry_1 
_ndb_struct_na_base_pair_step.j_label_asym_id_1 
_ndb_struct_na_base_pair_step.j_label_comp_id_1 
_ndb_struct_na_base_pair_step.j_label_seq_id_1 
_ndb_struct_na_base_pair_step.j_symmetry_1 
_ndb_struct_na_base_pair_step.i_label_asym_id_2 
_ndb_struct_na_base_pair_step.i_label_comp_id_2 
_ndb_struct_na_base_pair_step.i_label_seq_id_2 
_ndb_struct_na_base_pair_step.i_symmetry_2 
_ndb_struct_na_base_pair_step.j_label_asym_id_2 
_ndb_struct_na_base_pair_step.j_label_comp_id_2 
_ndb_struct_na_base_pair_step.j_label_seq_id_2 
_ndb_struct_na_base_pair_step.j_symmetry_2 
_ndb_struct_na_base_pair_step.shift 
_ndb_struct_na_base_pair_step.slide 
_ndb_struct_na_base_pair_step.rise 
_ndb_struct_na_base_pair_step.tilt 
_ndb_struct_na_base_pair_step.roll 
_ndb_struct_na_base_pair_step.twist 
_ndb_struct_na_base_pair_step.x_displacement 
_ndb_struct_na_base_pair_step.y_displacement 
_ndb_struct_na_base_pair_step.helical_rise 
_ndb_struct_na_base_pair_step.inclination 
_ndb_struct_na_base_pair_step.tip 
_ndb_struct_na_base_pair_step.helical_twist 
_ndb_struct_na_base_pair_step.step_number 
_ndb_struct_na_base_pair_step.step_name 
_ndb_struct_na_base_pair_step.i_auth_asym_id_1 
_ndb_struct_na_base_pair_step.i_auth_seq_id_1 
_ndb_struct_na_base_pair_step.i_PDB_ins_code_1 
_ndb_struct_na_base_pair_step.j_auth_asym_id_1 
_ndb_struct_na_base_pair_step.j_auth_seq_id_1 
_ndb_struct_na_base_pair_step.j_PDB_ins_code_1 
_ndb_struct_na_base_pair_step.i_auth_asym_id_2 
_ndb_struct_na_base_pair_step.i_auth_seq_id_2 
_ndb_struct_na_base_pair_step.i_PDB_ins_code_2 
_ndb_struct_na_base_pair_step.j_auth_asym_id_2 
_ndb_struct_na_base_pair_step.j_auth_seq_id_2 
_ndb_struct_na_base_pair_step.j_PDB_ins_code_2 
1 A DG  1 1_555 B DC  10 1_555 A DC  2  1_555 B DG  9 1_555 0.415  -1.559 3.229 1.840  0.853  36.945 -2.570 -0.410 3.209 1.345  
-2.900 36.999 1 AA_DG1DC2:DG19DC20_BB   A 1 ? B 20 ? A 2  ? B 19 ? 
1 A DC  2 1_555 B DG  9  1_555 A DG  3  1_555 B DC  8 1_555 0.347  -2.167 3.467 1.721  9.409  25.434 -6.867 -0.328 2.535 20.470 
-3.744 27.145 2 AA_DC2DG3:DC18DG19_BB   A 2 ? B 19 ? A 3  ? B 18 ? 
1 A DG  3 1_555 B DC  8  1_555 A DT  4  1_555 B DA  7 1_555 -1.099 -1.469 3.101 -1.539 5.445  35.976 -3.050 1.562  2.898 8.748  
2.472  36.404 3 AA_DG3DT4:DA17DC18_BB   A 3 ? B 18 ? A 4  ? B 17 ? 
1 A DT  4 1_555 B DA  7  1_555 A DA  5  1_555 B BOE 6 1_555 0.587  -1.547 3.237 1.334  20.362 25.219 -5.796 -0.856 1.604 39.418 
-2.583 32.336 4 AA_DT4DA5:BOE16DA17_BB  A 4 ? B 17 ? A 5  ? B 16 ? 
1 A DA  5 1_555 B BOE 6  1_555 A BOE 6  1_555 B DA  5 1_555 0.440  -1.383 3.058 -0.104 5.197  31.249 -3.399 -0.823 2.796 9.565  
0.191  31.668 5 AA_DA5BOE6:DA15BOE16_BB A 5 ? B 16 ? A 6  ? B 15 ? 
1 A BOE 6 1_555 B DA  5  1_555 A DA  7  1_555 B DT  4 1_555 -0.040 -1.353 3.110 1.214  13.979 31.718 -4.147 0.230  2.323 24.153 
-2.097 34.610 6 AA_BOE6DA7:DT14DA15_BB  A 6 ? B 15 ? A 7  ? B 14 ? 
1 A DA  7 1_555 B DT  4  1_555 A DC  8  1_555 B DG  3 1_555 0.367  -1.504 3.235 1.791  3.078  32.779 -3.159 -0.351 3.100 5.434  
-3.162 32.966 7 AA_DA7DC8:DG13DT14_BB   A 7 ? B 14 ? A 8  ? B 13 ? 
1 A DC  8 1_555 B DG  3  1_555 A DG  9  1_555 B DC  2 1_555 -0.146 -1.853 3.597 0.039  11.832 29.121 -5.636 0.277  2.660 22.400 
-0.075 31.385 8 AA_DC8DG9:DC12DG13_BB   A 8 ? B 13 ? A 9  ? B 12 ? 
1 A DG  9 1_555 B DC  2  1_555 A DC  10 1_555 B DG  1 1_555 0.125  -1.752 3.290 -0.013 3.490  33.013 -3.640 -0.221 3.093 6.121  
0.022  33.191 9 AA_DG9DC10:DG11DC12_BB  A 9 ? B 12 ? A 10 ? B 11 ? 
# 
loop_
_pdbx_entity_nonpoly.entity_id 
_pdbx_entity_nonpoly.name 
_pdbx_entity_nonpoly.comp_id 
2 'STRONTIUM ION' SR  
3 water           HOH 
# 
_pdbx_initial_refinement_model.id               1 
_pdbx_initial_refinement_model.entity_id_list   ? 
_pdbx_initial_refinement_model.type             'experimental model' 
_pdbx_initial_refinement_model.source_name      PDB 
_pdbx_initial_refinement_model.accession_code   410D 
_pdbx_initial_refinement_model.details          'pdb entry 410D' 
# 
